data_5I6C
#
_entry.id   5I6C
#
_cell.length_a   75.090
_cell.length_b   173.830
_cell.length_c   82.390
_cell.angle_alpha   90.00
_cell.angle_beta   111.11
_cell.angle_gamma   90.00
#
_symmetry.space_group_name_H-M   'P 1 21 1'
#
loop_
_entity.id
_entity.type
_entity.pdbx_description
1 polymer 'Uric acid-xanthine permease'
2 non-polymer XANTHINE
3 non-polymer DODECYL-BETA-D-MALTOSIDE
#
_entity_poly.entity_id   1
_entity_poly.type   'polypeptide(L)'
_entity_poly.pdbx_seq_one_letter_code
;MDNSIHSTDGPDSVIPNSNPKKTVRQRVRLLARHLTTREGLIGDYDYGFLFRPELPFMKKDPRAPPFFGLNEKIPVLLAF
ILGLQHALAMLAGVVTPPLIISSSLSLPSDLQQYLVSTSLIVCGLLSMVQITRFHIYKTPYYIGSGVLSVMGVSFSIISV
ASGAFNQMYSNGFCQLDEAGNRLPCPEAYGALIGTSACCALVEILLAFVPPKVIQKIFPPIVTGPTVMLIGISLIGTGFK
DWAGGSACMDDGMLCPSATAPRPLPWGSPEFIGLGFLVFVSIILCERFGAPIMKSCSVVIGLLVGCIVAAACGYFSHADI
DAAPAASFIWVKTFPLSVYGPMVLPIIAVFIICACECIGDVTATCDVSRLEVRGGTFESRIQGAVLADGINSVVAALATM
TPMTTFAQNNVVIALTRCANRWAGYCCCLILIVAGIFAKFAAAIVAIPNSVMGGMKTFLFASVVISGQAIVAKAPFTRRN
RFILTASMALGYGATLVPTWFGNVFPQTENRDLEGFENAIELVLETGFAVTAFVAMLLNAIMPAEVEEIGAVTPMPVSAH
DNRDGEAEYQSKQA
;
_entity_poly.pdbx_strand_id   A,B
#
loop_
_chem_comp.id
_chem_comp.type
_chem_comp.name
_chem_comp.formula
LMT D-saccharide DODECYL-BETA-D-MALTOSIDE 'C24 H46 O11'
XAN non-polymer XANTHINE 'C5 H4 N4 O2'
#
# COMPACT_ATOMS: atom_id res chain seq x y z
N PRO A 66 -2.75 9.47 -39.09
CA PRO A 66 -1.48 9.27 -39.82
C PRO A 66 -0.32 8.94 -38.88
N PHE A 67 0.06 7.66 -38.80
CA PHE A 67 1.10 7.27 -37.86
C PHE A 67 2.47 7.65 -38.39
N PHE A 68 3.23 8.39 -37.59
CA PHE A 68 4.56 8.84 -37.97
C PHE A 68 5.62 7.93 -37.38
N GLY A 69 6.47 7.41 -38.26
CA GLY A 69 7.56 6.52 -37.90
C GLY A 69 8.73 7.22 -37.26
N LEU A 70 9.75 6.45 -36.91
CA LEU A 70 10.96 6.99 -36.30
C LEU A 70 11.59 8.09 -37.15
N ASN A 71 12.00 7.70 -38.35
CA ASN A 71 12.72 8.60 -39.23
C ASN A 71 11.88 9.07 -40.39
N GLU A 72 11.25 10.22 -40.19
CA GLU A 72 10.52 10.93 -41.22
C GLU A 72 10.51 12.37 -40.78
N LYS A 73 10.71 13.30 -41.72
CA LYS A 73 10.63 14.69 -41.30
C LYS A 73 9.16 15.02 -41.19
N ILE A 74 8.82 15.60 -40.04
CA ILE A 74 7.47 16.04 -39.75
C ILE A 74 7.59 17.55 -39.68
N PRO A 75 6.45 18.26 -39.78
CA PRO A 75 6.52 19.72 -39.63
C PRO A 75 7.28 20.13 -38.36
N VAL A 76 8.36 20.88 -38.51
CA VAL A 76 9.20 21.21 -37.37
C VAL A 76 8.41 21.99 -36.32
N LEU A 77 7.30 22.58 -36.74
CA LEU A 77 6.32 23.12 -35.80
C LEU A 77 5.73 21.97 -35.00
N LEU A 78 5.31 20.92 -35.69
CA LEU A 78 4.78 19.73 -35.05
C LEU A 78 5.83 19.07 -34.15
N ALA A 79 7.03 18.86 -34.67
CA ALA A 79 8.12 18.28 -33.89
C ALA A 79 8.42 19.10 -32.64
N PHE A 80 8.41 20.43 -32.79
CA PHE A 80 8.60 21.32 -31.65
C PHE A 80 7.49 21.21 -30.61
N ILE A 81 6.24 21.21 -31.08
CA ILE A 81 5.08 21.13 -30.20
C ILE A 81 5.04 19.82 -29.43
N LEU A 82 5.20 18.71 -30.13
CA LEU A 82 5.26 17.42 -29.46
C LEU A 82 6.48 17.36 -28.57
N GLY A 83 7.56 18.03 -28.98
CA GLY A 83 8.72 18.19 -28.13
C GLY A 83 8.36 18.86 -26.82
N LEU A 84 7.47 19.85 -26.91
CA LEU A 84 6.99 20.57 -25.75
C LEU A 84 6.15 19.68 -24.87
N GLN A 85 5.22 18.93 -25.48
CA GLN A 85 4.35 18.03 -24.73
C GLN A 85 5.17 16.99 -23.98
N HIS A 86 6.20 16.46 -24.64
CA HIS A 86 7.11 15.52 -23.98
C HIS A 86 7.86 16.19 -22.84
N ALA A 87 8.37 17.40 -23.11
CA ALA A 87 9.10 18.17 -22.12
C ALA A 87 8.27 18.34 -20.85
N LEU A 88 7.03 18.81 -21.03
CA LEU A 88 6.13 19.03 -19.92
C LEU A 88 5.81 17.71 -19.24
N ALA A 89 5.73 16.66 -20.05
CA ALA A 89 5.34 15.36 -19.54
C ALA A 89 6.35 14.82 -18.54
N MET A 90 7.62 14.87 -18.93
CA MET A 90 8.70 14.33 -18.09
C MET A 90 9.22 15.35 -17.09
N LEU A 91 8.81 16.60 -17.24
CA LEU A 91 9.22 17.70 -16.36
C LEU A 91 9.11 17.38 -14.88
N ALA A 92 7.92 16.94 -14.47
CA ALA A 92 7.65 16.65 -13.06
C ALA A 92 8.54 15.53 -12.55
N GLY A 93 8.60 14.43 -13.29
CA GLY A 93 9.36 13.27 -12.88
C GLY A 93 10.85 13.53 -12.79
N VAL A 94 11.34 14.46 -13.62
CA VAL A 94 12.75 14.88 -13.60
C VAL A 94 13.07 15.85 -12.46
N VAL A 95 12.18 16.82 -12.28
CA VAL A 95 12.32 17.88 -11.28
C VAL A 95 12.21 17.39 -9.83
N THR A 96 11.28 16.48 -9.58
CA THR A 96 10.92 16.12 -8.21
C THR A 96 12.04 15.50 -7.35
N PRO A 97 12.76 14.47 -7.85
CA PRO A 97 13.81 13.87 -7.00
C PRO A 97 14.91 14.82 -6.48
N PRO A 98 15.38 15.78 -7.30
CA PRO A 98 16.27 16.77 -6.70
C PRO A 98 15.63 17.47 -5.51
N LEU A 99 14.39 17.90 -5.66
CA LEU A 99 13.69 18.56 -4.57
C LEU A 99 13.62 17.68 -3.33
N ILE A 100 13.32 16.40 -3.53
CA ILE A 100 13.17 15.50 -2.41
C ILE A 100 14.51 15.26 -1.70
N ILE A 101 15.55 14.89 -2.45
CA ILE A 101 16.86 14.66 -1.85
C ILE A 101 17.40 15.91 -1.16
N SER A 102 17.28 17.05 -1.84
CA SER A 102 17.77 18.32 -1.29
C SER A 102 17.04 18.75 -0.01
N SER A 103 15.71 18.69 -0.02
CA SER A 103 14.96 19.12 1.15
C SER A 103 15.30 18.21 2.31
N SER A 104 15.57 16.93 2.01
CA SER A 104 15.89 15.96 3.05
C SER A 104 17.36 16.01 3.46
N LEU A 105 18.10 17.00 2.98
CA LEU A 105 19.50 17.13 3.38
C LEU A 105 19.91 18.57 3.69
N SER A 106 19.45 19.51 2.87
CA SER A 106 19.92 20.89 3.00
C SER A 106 18.82 21.92 2.86
N LEU A 107 19.20 23.18 3.07
CA LEU A 107 18.31 24.33 2.92
C LEU A 107 18.59 25.23 1.71
N PRO A 108 19.85 25.69 1.51
CA PRO A 108 20.14 26.77 0.55
C PRO A 108 19.41 26.70 -0.79
N SER A 109 18.60 27.71 -1.06
CA SER A 109 17.86 27.81 -2.30
C SER A 109 18.80 27.84 -3.52
N ASP A 110 20.03 28.29 -3.29
CA ASP A 110 21.05 28.26 -4.33
C ASP A 110 21.22 26.86 -4.89
N LEU A 111 21.39 25.89 -3.99
CA LEU A 111 21.62 24.50 -4.39
C LEU A 111 20.39 23.83 -4.97
N GLN A 112 19.21 24.21 -4.48
CA GLN A 112 17.97 23.64 -5.00
C GLN A 112 17.66 24.13 -6.40
N GLN A 113 17.70 25.45 -6.60
CA GLN A 113 17.53 26.03 -7.93
C GLN A 113 18.57 25.47 -8.89
N TYR A 114 19.82 25.47 -8.42
CA TYR A 114 20.94 24.93 -9.19
C TYR A 114 20.68 23.50 -9.63
N LEU A 115 20.35 22.63 -8.69
CA LEU A 115 20.16 21.22 -9.02
C LEU A 115 18.89 20.97 -9.84
N VAL A 116 17.89 21.84 -9.72
CA VAL A 116 16.73 21.71 -10.60
C VAL A 116 17.12 22.02 -12.04
N SER A 117 17.74 23.19 -12.26
CA SER A 117 18.13 23.59 -13.62
C SER A 117 19.17 22.63 -14.19
N THR A 118 20.08 22.19 -13.32
CA THR A 118 21.12 21.24 -13.68
C THR A 118 20.50 19.93 -14.09
N SER A 119 19.47 19.52 -13.36
CA SER A 119 18.76 18.30 -13.69
C SER A 119 18.12 18.42 -15.07
N LEU A 120 17.47 19.55 -15.32
CA LEU A 120 16.85 19.81 -16.61
C LEU A 120 17.87 19.66 -17.75
N ILE A 121 18.98 20.38 -17.61
CA ILE A 121 20.04 20.36 -18.59
C ILE A 121 20.58 18.94 -18.83
N VAL A 122 21.10 18.33 -17.78
CA VAL A 122 21.73 17.02 -17.90
C VAL A 122 20.76 15.95 -18.43
N CYS A 123 19.51 15.96 -17.97
CA CYS A 123 18.56 14.99 -18.52
C CYS A 123 18.28 15.25 -20.00
N GLY A 124 18.19 16.51 -20.40
CA GLY A 124 18.06 16.79 -21.83
C GLY A 124 19.22 16.16 -22.61
N LEU A 125 20.43 16.41 -22.14
CA LEU A 125 21.64 15.93 -22.81
C LEU A 125 21.70 14.41 -22.90
N LEU A 126 21.38 13.72 -21.81
CA LEU A 126 21.54 12.27 -21.81
C LEU A 126 20.34 11.57 -22.47
N SER A 127 19.22 12.28 -22.54
CA SER A 127 18.13 11.85 -23.42
C SER A 127 18.62 11.87 -24.85
N MET A 128 19.28 12.97 -25.24
CA MET A 128 19.90 13.01 -26.56
C MET A 128 20.88 11.86 -26.73
N VAL A 129 21.60 11.51 -25.67
CA VAL A 129 22.53 10.38 -25.77
C VAL A 129 21.79 9.08 -26.09
N GLN A 130 20.67 8.78 -25.45
CA GLN A 130 20.05 7.48 -25.76
C GLN A 130 19.05 7.50 -26.92
N ILE A 131 18.65 8.67 -27.41
CA ILE A 131 17.73 8.70 -28.55
C ILE A 131 18.45 8.24 -29.83
N THR A 132 19.78 8.28 -29.83
CA THR A 132 20.54 7.95 -31.03
C THR A 132 21.52 6.80 -30.81
N ARG A 133 22.04 6.26 -31.92
CA ARG A 133 23.04 5.19 -31.89
C ARG A 133 24.29 5.62 -32.62
N PHE A 134 24.32 6.88 -33.05
CA PHE A 134 25.42 7.47 -33.81
C PHE A 134 26.65 7.80 -32.95
N HIS A 135 26.55 7.56 -31.65
CA HIS A 135 27.61 7.95 -30.70
C HIS A 135 28.66 6.85 -30.53
N ILE A 136 28.21 5.60 -30.52
CA ILE A 136 29.06 4.49 -30.11
C ILE A 136 29.26 3.44 -31.19
N TYR A 137 28.20 3.12 -31.94
CA TYR A 137 28.29 2.05 -32.95
C TYR A 137 29.46 2.25 -33.90
N LYS A 138 30.43 1.35 -33.83
CA LYS A 138 31.59 1.40 -34.72
C LYS A 138 31.78 0.06 -35.41
N THR A 139 31.74 -1.01 -34.61
CA THR A 139 31.77 -2.37 -35.13
C THR A 139 30.81 -3.26 -34.33
N PRO A 140 31.06 -3.44 -33.01
CA PRO A 140 30.24 -4.44 -32.31
C PRO A 140 28.89 -3.87 -31.88
N TYR A 141 28.16 -4.60 -31.02
CA TYR A 141 26.89 -4.14 -30.45
C TYR A 141 26.96 -2.70 -29.95
N TYR A 142 25.90 -1.93 -30.12
CA TYR A 142 26.01 -0.48 -29.94
C TYR A 142 25.24 0.18 -28.80
N ILE A 143 25.42 1.51 -28.72
CA ILE A 143 24.90 2.37 -27.67
C ILE A 143 24.45 3.70 -28.28
N GLY A 144 23.26 4.20 -27.93
CA GLY A 144 22.34 3.54 -27.05
C GLY A 144 21.17 2.95 -27.81
N SER A 145 19.99 3.53 -27.66
CA SER A 145 18.86 3.13 -28.49
C SER A 145 18.67 4.11 -29.64
N GLY A 146 17.87 3.70 -30.63
CA GLY A 146 17.63 4.53 -31.79
C GLY A 146 16.18 4.89 -31.99
N VAL A 147 15.40 4.78 -30.91
CA VAL A 147 13.98 5.10 -30.95
C VAL A 147 13.74 5.88 -29.66
N LEU A 148 12.60 6.59 -29.55
CA LEU A 148 12.34 7.44 -28.38
C LEU A 148 12.65 6.77 -27.05
N SER A 149 13.82 7.10 -26.52
CA SER A 149 14.28 6.58 -25.23
C SER A 149 14.48 7.74 -24.29
N VAL A 150 13.39 8.24 -23.73
CA VAL A 150 13.44 9.39 -22.85
C VAL A 150 14.11 8.99 -21.53
N MET A 151 15.07 9.80 -21.09
CA MET A 151 15.78 9.50 -19.85
C MET A 151 15.59 10.59 -18.80
N GLY A 152 15.56 10.18 -17.53
CA GLY A 152 15.41 11.13 -16.45
C GLY A 152 15.68 10.48 -15.10
N VAL A 153 15.86 11.29 -14.05
CA VAL A 153 16.26 10.80 -12.73
C VAL A 153 15.30 9.77 -12.11
N SER A 154 15.87 8.68 -11.59
CA SER A 154 15.08 7.57 -11.03
C SER A 154 14.55 7.86 -9.60
N PHE A 155 13.48 7.18 -9.20
CA PHE A 155 12.92 7.33 -7.86
C PHE A 155 13.47 6.32 -6.88
N SER A 156 14.24 5.37 -7.38
CA SER A 156 14.80 4.33 -6.52
C SER A 156 15.84 4.96 -5.63
N ILE A 157 16.53 5.95 -6.17
CA ILE A 157 17.61 6.59 -5.44
C ILE A 157 17.09 7.37 -4.24
N ILE A 158 15.84 7.85 -4.30
CA ILE A 158 15.23 8.50 -3.15
C ILE A 158 15.03 7.50 -2.01
N SER A 159 14.31 6.43 -2.33
CA SER A 159 14.04 5.38 -1.36
C SER A 159 15.32 4.87 -0.72
N VAL A 160 16.39 4.72 -1.50
CA VAL A 160 17.67 4.37 -0.90
C VAL A 160 18.24 5.51 -0.03
N ALA A 161 18.26 6.72 -0.57
CA ALA A 161 18.86 7.87 0.12
C ALA A 161 18.17 8.25 1.43
N SER A 162 16.94 7.83 1.62
CA SER A 162 16.28 8.11 2.89
C SER A 162 17.03 7.43 4.01
N GLY A 163 17.14 6.11 3.92
CA GLY A 163 17.84 5.32 4.92
C GLY A 163 19.32 5.65 4.93
N ALA A 164 19.88 5.86 3.74
CA ALA A 164 21.28 6.23 3.62
C ALA A 164 21.60 7.47 4.43
N PHE A 165 20.94 8.57 4.12
CA PHE A 165 21.13 9.84 4.81
C PHE A 165 20.82 9.74 6.31
N ASN A 166 19.77 8.99 6.63
CA ASN A 166 19.39 8.78 8.02
C ASN A 166 20.54 8.17 8.80
N GLN A 167 21.21 7.19 8.20
CA GLN A 167 22.37 6.58 8.84
C GLN A 167 23.57 7.53 8.86
N MET A 168 23.70 8.36 7.84
CA MET A 168 24.78 9.34 7.79
C MET A 168 24.65 10.42 8.86
N TYR A 169 23.43 10.80 9.23
CA TYR A 169 23.20 11.74 10.32
C TYR A 169 23.21 11.04 11.67
N SER A 170 23.02 9.72 11.63
CA SER A 170 22.99 8.94 12.86
C SER A 170 24.40 8.56 13.28
N ASN A 171 24.98 7.59 12.56
CA ASN A 171 26.32 7.10 12.91
C ASN A 171 27.38 7.63 11.97
N GLY A 172 26.96 8.30 10.91
CA GLY A 172 27.89 8.82 9.91
C GLY A 172 28.58 10.08 10.40
N PHE A 173 29.16 10.83 9.47
CA PHE A 173 29.93 12.02 9.82
C PHE A 173 29.08 13.29 9.92
N CYS A 174 27.94 13.31 9.22
CA CYS A 174 27.14 14.52 9.10
C CYS A 174 26.62 14.99 10.47
N GLN A 175 26.29 16.28 10.56
CA GLN A 175 25.97 16.86 11.86
C GLN A 175 24.54 17.39 12.00
N LEU A 176 24.11 17.43 13.26
CA LEU A 176 22.80 17.93 13.69
C LEU A 176 23.10 18.81 14.91
N ASP A 177 22.13 19.61 15.35
CA ASP A 177 22.35 20.47 16.49
C ASP A 177 21.28 20.28 17.56
N GLU A 178 20.62 19.12 17.50
CA GLU A 178 19.61 18.71 18.46
C GLU A 178 18.63 19.83 18.83
N ALA A 179 18.14 20.55 17.81
CA ALA A 179 17.22 21.66 17.99
C ALA A 179 16.81 22.20 16.62
N GLY A 180 15.65 21.77 16.12
CA GLY A 180 15.20 22.18 14.80
C GLY A 180 15.82 21.32 13.71
N ASN A 181 15.88 21.85 12.50
CA ASN A 181 16.19 21.05 11.32
C ASN A 181 17.63 20.52 11.31
N ARG A 182 17.93 19.70 10.29
CA ARG A 182 19.24 19.10 10.13
C ARG A 182 20.18 20.06 9.44
N LEU A 183 21.45 20.04 9.84
CA LEU A 183 22.46 20.86 9.18
C LEU A 183 22.73 20.32 7.77
N PRO A 184 22.80 21.24 6.79
CA PRO A 184 23.12 20.85 5.41
C PRO A 184 24.47 20.13 5.31
N CYS A 185 24.49 19.04 4.57
CA CYS A 185 25.65 18.18 4.54
C CYS A 185 25.98 17.74 3.11
N PRO A 186 26.69 18.59 2.36
CA PRO A 186 26.96 18.33 0.95
C PRO A 186 27.86 17.12 0.73
N GLU A 187 28.69 16.80 1.71
CA GLU A 187 29.60 15.65 1.60
C GLU A 187 28.82 14.34 1.50
N ALA A 188 27.62 14.36 2.04
CA ALA A 188 26.73 13.22 1.91
C ALA A 188 26.31 13.08 0.45
N TYR A 189 25.94 14.18 -0.16
CA TYR A 189 25.54 14.15 -1.57
C TYR A 189 26.72 13.72 -2.44
N GLY A 190 27.92 14.21 -2.12
CA GLY A 190 29.14 13.83 -2.81
C GLY A 190 29.43 12.35 -2.69
N ALA A 191 29.13 11.78 -1.52
CA ALA A 191 29.26 10.34 -1.30
C ALA A 191 28.25 9.59 -2.16
N LEU A 192 27.02 10.11 -2.17
CA LEU A 192 25.93 9.55 -2.96
C LEU A 192 26.34 9.46 -4.43
N ILE A 193 26.86 10.58 -4.93
CA ILE A 193 27.23 10.68 -6.33
C ILE A 193 28.45 9.84 -6.63
N GLY A 194 29.39 9.79 -5.69
CA GLY A 194 30.59 9.01 -5.90
C GLY A 194 30.27 7.53 -6.01
N THR A 195 29.46 7.07 -5.06
CA THR A 195 29.05 5.68 -5.02
C THR A 195 28.20 5.29 -6.24
N SER A 196 27.28 6.17 -6.61
CA SER A 196 26.39 5.89 -7.73
C SER A 196 27.14 5.88 -9.06
N ALA A 197 28.05 6.83 -9.23
CA ALA A 197 28.93 6.86 -10.40
C ALA A 197 29.74 5.59 -10.46
N CYS A 198 30.23 5.15 -9.30
CA CYS A 198 30.94 3.88 -9.20
C CYS A 198 30.10 2.69 -9.70
N CYS A 199 28.87 2.55 -9.21
CA CYS A 199 28.06 1.36 -9.56
C CYS A 199 27.26 1.44 -10.86
N ALA A 200 27.23 2.61 -11.49
CA ALA A 200 26.68 2.68 -12.84
C ALA A 200 27.49 1.77 -13.74
N LEU A 201 28.78 1.68 -13.46
CA LEU A 201 29.71 0.78 -14.14
C LEU A 201 29.41 -0.66 -13.79
N VAL A 202 29.06 -0.89 -12.54
CA VAL A 202 28.58 -2.20 -12.09
C VAL A 202 27.37 -2.65 -12.92
N GLU A 203 26.52 -1.70 -13.32
CA GLU A 203 25.39 -2.09 -14.16
C GLU A 203 25.69 -2.18 -15.67
N ILE A 204 26.48 -1.25 -16.22
CA ILE A 204 26.76 -1.30 -17.65
C ILE A 204 27.51 -2.56 -18.08
N LEU A 205 28.41 -3.07 -17.24
CA LEU A 205 29.19 -4.24 -17.60
C LEU A 205 28.36 -5.49 -17.38
N LEU A 206 27.29 -5.35 -16.61
CA LEU A 206 26.28 -6.38 -16.50
C LEU A 206 25.08 -6.00 -17.36
N ALA A 207 25.27 -5.01 -18.22
CA ALA A 207 24.27 -4.64 -19.21
C ALA A 207 24.48 -5.42 -20.51
N PHE A 208 25.64 -6.07 -20.63
CA PHE A 208 25.99 -6.74 -21.88
C PHE A 208 25.40 -8.15 -22.02
N VAL A 209 24.51 -8.28 -23.01
CA VAL A 209 23.88 -9.53 -23.44
C VAL A 209 23.23 -10.40 -22.32
N PRO A 210 22.29 -9.82 -21.54
CA PRO A 210 21.53 -10.78 -20.73
C PRO A 210 20.00 -10.65 -20.80
N PRO A 211 19.41 -10.47 -21.99
CA PRO A 211 18.05 -9.93 -22.15
C PRO A 211 16.91 -10.70 -21.46
N LYS A 212 16.50 -11.85 -22.02
CA LYS A 212 15.40 -12.64 -21.48
C LYS A 212 15.78 -13.25 -20.13
N VAL A 213 17.09 -13.33 -19.88
CA VAL A 213 17.64 -13.86 -18.63
C VAL A 213 17.19 -13.01 -17.44
N ILE A 214 17.36 -11.71 -17.58
CA ILE A 214 16.90 -10.77 -16.56
C ILE A 214 15.39 -10.87 -16.36
N GLN A 215 14.67 -11.03 -17.47
CA GLN A 215 13.23 -11.26 -17.42
C GLN A 215 12.90 -12.47 -16.55
N LYS A 216 13.74 -13.51 -16.63
CA LYS A 216 13.51 -14.71 -15.81
C LYS A 216 13.93 -14.51 -14.36
N ILE A 217 15.02 -13.77 -14.13
CA ILE A 217 15.49 -13.55 -12.75
C ILE A 217 14.58 -12.58 -12.01
N PHE A 218 13.99 -11.63 -12.72
CA PHE A 218 13.02 -10.72 -12.11
C PHE A 218 11.68 -10.77 -12.82
N PRO A 219 10.94 -11.87 -12.62
CA PRO A 219 9.62 -12.08 -13.24
C PRO A 219 8.62 -11.11 -12.63
N PRO A 220 7.39 -11.04 -13.16
CA PRO A 220 6.38 -10.14 -12.57
C PRO A 220 6.05 -10.39 -11.10
N ILE A 221 6.22 -11.63 -10.61
CA ILE A 221 5.96 -11.96 -9.22
C ILE A 221 7.02 -11.38 -8.30
N VAL A 222 8.20 -11.09 -8.84
CA VAL A 222 9.26 -10.45 -8.09
C VAL A 222 9.26 -8.97 -8.40
N THR A 223 9.15 -8.68 -9.69
CA THR A 223 9.18 -7.32 -10.16
C THR A 223 8.08 -6.48 -9.52
N GLY A 224 6.82 -6.86 -9.74
CA GLY A 224 5.70 -6.09 -9.24
C GLY A 224 5.63 -5.62 -7.78
N PRO A 225 5.86 -6.52 -6.81
CA PRO A 225 5.81 -6.08 -5.41
C PRO A 225 6.86 -5.04 -5.07
N THR A 226 8.10 -5.27 -5.49
CA THR A 226 9.19 -4.33 -5.29
C THR A 226 8.80 -2.94 -5.72
N VAL A 227 8.31 -2.81 -6.94
CA VAL A 227 7.86 -1.52 -7.43
C VAL A 227 6.73 -0.96 -6.58
N MET A 228 5.77 -1.81 -6.23
CA MET A 228 4.68 -1.35 -5.39
C MET A 228 5.22 -0.71 -4.11
N LEU A 229 6.11 -1.41 -3.41
CA LEU A 229 6.59 -0.90 -2.14
C LEU A 229 7.49 0.30 -2.32
N ILE A 230 8.20 0.38 -3.43
CA ILE A 230 8.94 1.60 -3.68
C ILE A 230 7.95 2.74 -3.67
N GLY A 231 6.89 2.61 -4.45
CA GLY A 231 5.86 3.61 -4.46
C GLY A 231 5.25 3.88 -3.10
N ILE A 232 5.00 2.83 -2.34
CA ILE A 232 4.37 2.98 -1.02
C ILE A 232 5.26 3.78 -0.06
N SER A 233 6.44 3.25 0.24
CA SER A 233 7.31 3.89 1.21
C SER A 233 7.73 5.28 0.73
N LEU A 234 7.68 5.52 -0.58
CA LEU A 234 8.00 6.87 -1.04
C LEU A 234 6.83 7.84 -0.91
N ILE A 235 5.59 7.33 -0.98
CA ILE A 235 4.43 8.22 -1.06
C ILE A 235 4.29 9.11 0.18
N GLY A 236 4.89 8.67 1.27
CA GLY A 236 4.80 9.36 2.54
C GLY A 236 5.25 10.81 2.46
N THR A 237 6.28 11.07 1.65
CA THR A 237 6.81 12.41 1.51
C THR A 237 5.84 13.28 0.72
N GLY A 238 5.12 12.62 -0.18
CA GLY A 238 4.09 13.29 -0.97
C GLY A 238 2.99 13.76 -0.07
N PHE A 239 2.46 12.85 0.76
CA PHE A 239 1.42 13.25 1.70
C PHE A 239 1.91 14.30 2.70
N LYS A 240 3.15 14.15 3.15
CA LYS A 240 3.73 15.05 4.14
C LYS A 240 3.80 16.46 3.59
N ASP A 241 4.22 16.58 2.34
CA ASP A 241 4.27 17.88 1.69
C ASP A 241 2.86 18.44 1.50
N TRP A 242 1.93 17.58 1.09
CA TRP A 242 0.52 17.98 0.98
C TRP A 242 0.03 18.62 2.28
N ALA A 243 0.39 17.99 3.41
CA ALA A 243 0.06 18.51 4.74
C ALA A 243 0.69 19.87 4.99
N GLY A 244 1.94 20.03 4.56
CA GLY A 244 2.66 21.28 4.67
C GLY A 244 4.06 21.02 5.20
N GLY A 245 4.44 19.75 5.25
CA GLY A 245 5.71 19.35 5.85
C GLY A 245 6.82 19.21 4.82
N SER A 246 7.86 18.44 5.15
CA SER A 246 7.98 17.76 6.43
C SER A 246 8.42 18.70 7.57
N ALA A 247 8.71 19.95 7.22
CA ALA A 247 8.94 20.98 8.23
C ALA A 247 8.05 22.16 7.92
N CYS A 248 7.12 22.44 8.81
CA CYS A 248 6.17 23.52 8.60
C CYS A 248 6.88 24.88 8.59
N MET A 249 6.28 25.84 7.89
CA MET A 249 6.89 27.13 7.54
C MET A 249 7.53 27.91 8.70
N ASP A 250 8.61 28.63 8.42
CA ASP A 250 9.36 29.36 9.46
C ASP A 250 8.89 30.80 9.67
N ASP A 251 9.65 31.54 10.47
CA ASP A 251 9.30 32.89 10.90
C ASP A 251 9.62 33.92 9.83
N GLY A 252 8.69 34.84 9.62
CA GLY A 252 8.89 35.96 8.72
C GLY A 252 8.69 35.51 7.29
N MET A 253 8.59 34.20 7.12
CA MET A 253 8.36 33.64 5.80
C MET A 253 6.89 33.80 5.46
N LEU A 254 6.61 34.00 4.17
CA LEU A 254 5.28 34.42 3.75
C LEU A 254 4.22 33.34 3.96
N CYS A 255 3.06 33.77 4.43
CA CYS A 255 1.89 32.91 4.66
C CYS A 255 2.15 31.68 5.53
N PRO A 256 2.73 31.89 6.74
CA PRO A 256 2.81 30.73 7.63
C PRO A 256 1.44 30.38 8.19
N SER A 257 1.01 29.14 8.01
CA SER A 257 -0.25 28.67 8.60
C SER A 257 0.06 27.56 9.60
N ALA A 258 1.29 27.07 9.53
CA ALA A 258 1.85 26.18 10.54
C ALA A 258 3.33 26.51 10.68
N THR A 259 3.71 27.06 11.84
CA THR A 259 5.12 27.34 12.13
C THR A 259 5.59 26.55 13.34
N ALA A 260 6.56 25.66 13.13
CA ALA A 260 7.05 24.82 14.22
C ALA A 260 8.29 24.02 13.84
N PRO A 261 9.16 23.77 14.84
CA PRO A 261 10.24 22.79 14.71
C PRO A 261 9.73 21.38 15.01
N ARG A 262 10.12 20.43 14.16
CA ARG A 262 9.75 19.02 14.30
C ARG A 262 8.25 18.64 14.20
N PRO A 263 7.45 19.34 13.36
CA PRO A 263 6.21 18.63 13.03
C PRO A 263 6.26 18.12 11.58
N LEU A 264 6.56 16.84 11.43
CA LEU A 264 6.72 16.23 10.12
C LEU A 264 5.40 16.07 9.34
N PRO A 265 4.31 15.68 10.03
CA PRO A 265 3.11 15.67 9.19
C PRO A 265 1.99 16.62 9.62
N TRP A 266 2.32 17.76 10.21
CA TRP A 266 1.29 18.70 10.66
C TRP A 266 0.98 19.75 9.59
N GLY A 267 -0.19 20.37 9.70
CA GLY A 267 -0.60 21.40 8.77
C GLY A 267 -2.07 21.75 8.83
N SER A 268 -2.38 23.01 8.52
CA SER A 268 -3.73 23.55 8.59
C SER A 268 -4.61 23.09 7.41
N PRO A 269 -5.93 23.39 7.45
CA PRO A 269 -6.83 23.05 6.35
C PRO A 269 -6.43 23.59 4.98
N GLU A 270 -5.82 24.77 4.96
CA GLU A 270 -5.45 25.45 3.71
C GLU A 270 -4.49 24.63 2.87
N PHE A 271 -3.53 23.98 3.51
CA PHE A 271 -2.57 23.13 2.83
C PHE A 271 -3.26 21.94 2.16
N ILE A 272 -4.20 21.37 2.90
CA ILE A 272 -5.04 20.29 2.41
C ILE A 272 -5.79 20.76 1.17
N GLY A 273 -6.42 21.92 1.29
CA GLY A 273 -7.16 22.53 0.19
C GLY A 273 -6.32 22.77 -1.04
N LEU A 274 -5.06 23.15 -0.83
CA LEU A 274 -4.13 23.38 -1.93
C LEU A 274 -3.82 22.11 -2.70
N GLY A 275 -3.26 21.13 -1.97
CA GLY A 275 -2.86 19.89 -2.58
C GLY A 275 -4.05 19.17 -3.21
N PHE A 276 -5.18 19.24 -2.52
CA PHE A 276 -6.41 18.63 -2.99
C PHE A 276 -6.91 19.33 -4.24
N LEU A 277 -6.74 20.65 -4.30
CA LEU A 277 -7.06 21.35 -5.53
C LEU A 277 -6.14 20.96 -6.66
N VAL A 278 -4.89 20.64 -6.34
CA VAL A 278 -3.97 20.12 -7.33
C VAL A 278 -4.44 18.78 -7.88
N PHE A 279 -4.78 17.88 -6.97
CA PHE A 279 -5.22 16.53 -7.32
C PHE A 279 -6.52 16.56 -8.13
N VAL A 280 -7.49 17.29 -7.60
CA VAL A 280 -8.75 17.53 -8.28
C VAL A 280 -8.50 18.16 -9.64
N SER A 281 -7.52 19.07 -9.69
CA SER A 281 -7.14 19.67 -10.96
C SER A 281 -6.65 18.61 -11.93
N ILE A 282 -5.91 17.63 -11.44
CA ILE A 282 -5.43 16.54 -12.28
C ILE A 282 -6.60 15.72 -12.83
N ILE A 283 -7.50 15.34 -11.93
CA ILE A 283 -8.68 14.55 -12.31
C ILE A 283 -9.53 15.28 -13.35
N LEU A 284 -9.76 16.57 -13.11
CA LEU A 284 -10.52 17.41 -14.03
C LEU A 284 -9.78 17.61 -15.33
N CYS A 285 -8.46 17.57 -15.26
CA CYS A 285 -7.60 17.69 -16.45
C CYS A 285 -7.76 16.48 -17.36
N GLU A 286 -7.98 15.32 -16.74
CA GLU A 286 -8.28 14.10 -17.49
C GLU A 286 -9.70 14.13 -18.03
N ARG A 287 -10.61 14.57 -17.17
CA ARG A 287 -12.05 14.62 -17.44
C ARG A 287 -12.40 15.46 -18.68
N PHE A 288 -11.69 16.57 -18.86
CA PHE A 288 -11.85 17.40 -20.05
C PHE A 288 -10.57 17.37 -20.88
N GLY A 289 -9.95 16.19 -20.97
CA GLY A 289 -8.61 16.05 -21.52
C GLY A 289 -8.43 15.89 -23.01
N ALA A 290 -7.75 16.86 -23.62
CA ALA A 290 -7.38 16.81 -25.04
C ALA A 290 -6.05 16.06 -25.21
N PRO A 291 -5.82 15.49 -26.41
CA PRO A 291 -4.61 14.70 -26.69
C PRO A 291 -3.28 15.35 -26.31
N ILE A 292 -3.21 16.67 -26.24
CA ILE A 292 -1.99 17.34 -25.79
C ILE A 292 -1.87 17.28 -24.26
N MET A 293 -2.98 17.51 -23.58
CA MET A 293 -3.03 17.52 -22.12
C MET A 293 -2.68 16.16 -21.49
N LYS A 294 -2.55 15.14 -22.31
CA LYS A 294 -2.21 13.78 -21.85
C LYS A 294 -0.81 13.78 -21.22
N SER A 295 -0.67 13.11 -20.09
CA SER A 295 0.59 13.03 -19.35
C SER A 295 1.08 14.42 -18.92
N CYS A 296 0.32 15.44 -19.28
CA CYS A 296 0.59 16.77 -18.78
C CYS A 296 -0.41 17.09 -17.67
N SER A 297 -1.42 16.23 -17.56
CA SER A 297 -2.48 16.39 -16.56
C SER A 297 -1.91 16.58 -15.18
N VAL A 298 -0.81 15.89 -14.92
CA VAL A 298 -0.11 15.98 -13.65
C VAL A 298 0.52 17.36 -13.50
N VAL A 299 1.19 17.79 -14.56
CA VAL A 299 1.86 19.08 -14.56
C VAL A 299 0.84 20.19 -14.65
N ILE A 300 -0.28 19.92 -15.32
CA ILE A 300 -1.36 20.90 -15.42
C ILE A 300 -2.09 21.08 -14.09
N GLY A 301 -2.33 20.00 -13.37
CA GLY A 301 -2.92 20.10 -12.06
C GLY A 301 -1.98 20.83 -11.12
N LEU A 302 -0.72 20.43 -11.13
CA LEU A 302 0.32 21.08 -10.33
C LEU A 302 0.31 22.57 -10.59
N LEU A 303 0.29 22.93 -11.87
CA LEU A 303 0.25 24.31 -12.29
C LEU A 303 -1.00 25.00 -11.74
N VAL A 304 -2.17 24.41 -11.94
CA VAL A 304 -3.43 25.02 -11.50
C VAL A 304 -3.41 25.31 -9.99
N GLY A 305 -3.12 24.29 -9.19
CA GLY A 305 -3.06 24.43 -7.76
C GLY A 305 -2.00 25.43 -7.34
N CYS A 306 -0.93 25.54 -8.13
CA CYS A 306 0.12 26.51 -7.82
C CYS A 306 -0.30 27.95 -8.17
N ILE A 307 -1.11 28.08 -9.20
CA ILE A 307 -1.68 29.36 -9.59
C ILE A 307 -2.64 29.84 -8.51
N VAL A 308 -3.50 28.92 -8.08
CA VAL A 308 -4.41 29.18 -6.96
C VAL A 308 -3.60 29.55 -5.73
N ALA A 309 -2.48 28.86 -5.54
CA ALA A 309 -1.60 29.11 -4.42
C ALA A 309 -1.08 30.53 -4.46
N ALA A 310 -0.68 30.98 -5.64
CA ALA A 310 -0.22 32.35 -5.83
C ALA A 310 -1.36 33.32 -5.56
N ALA A 311 -2.58 32.91 -5.93
CA ALA A 311 -3.78 33.72 -5.73
C ALA A 311 -4.06 33.97 -4.25
N CYS A 312 -3.92 32.92 -3.43
CA CYS A 312 -4.10 33.04 -1.99
C CYS A 312 -2.99 33.92 -1.42
N GLY A 313 -1.82 33.83 -2.04
CA GLY A 313 -0.69 34.64 -1.66
C GLY A 313 0.47 33.78 -1.22
N TYR A 314 0.41 32.51 -1.62
CA TYR A 314 1.46 31.56 -1.26
C TYR A 314 2.55 31.61 -2.31
N PHE A 315 3.43 32.58 -2.15
CA PHE A 315 4.52 32.76 -3.09
C PHE A 315 5.66 33.47 -2.37
N SER A 316 6.88 33.29 -2.88
CA SER A 316 8.02 34.00 -2.35
C SER A 316 8.76 34.72 -3.48
N HIS A 317 8.24 35.86 -3.90
CA HIS A 317 8.81 36.57 -5.04
C HIS A 317 10.22 37.09 -4.72
N ALA A 318 10.57 37.14 -3.44
CA ALA A 318 11.89 37.62 -3.03
C ALA A 318 13.01 36.69 -3.52
N ASP A 319 12.89 35.40 -3.22
CA ASP A 319 13.90 34.42 -3.66
C ASP A 319 13.83 34.13 -5.16
N ILE A 320 12.65 34.29 -5.74
CA ILE A 320 12.47 34.18 -7.18
C ILE A 320 13.27 35.28 -7.88
N ASP A 321 13.15 36.50 -7.36
CA ASP A 321 13.92 37.61 -7.91
C ASP A 321 15.42 37.43 -7.65
N ALA A 322 15.76 36.88 -6.49
CA ALA A 322 17.15 36.74 -6.06
C ALA A 322 17.91 35.64 -6.80
N ALA A 323 17.21 34.85 -7.61
CA ALA A 323 17.83 33.74 -8.32
C ALA A 323 18.50 34.21 -9.60
N PRO A 324 19.57 33.53 -10.01
CA PRO A 324 20.25 33.86 -11.27
C PRO A 324 19.47 33.38 -12.47
N ALA A 325 19.58 34.10 -13.59
CA ALA A 325 18.88 33.70 -14.80
C ALA A 325 19.87 33.01 -15.74
N ALA A 326 20.65 32.10 -15.18
CA ALA A 326 21.62 31.33 -15.93
C ALA A 326 21.94 30.03 -15.20
N SER A 327 22.34 29.00 -15.94
CA SER A 327 22.76 27.75 -15.32
C SER A 327 23.64 26.90 -16.23
N PHE A 328 24.90 26.75 -15.81
CA PHE A 328 25.83 25.86 -16.48
C PHE A 328 25.91 24.58 -15.64
N ILE A 329 26.40 23.51 -16.25
CA ILE A 329 26.37 22.19 -15.63
C ILE A 329 27.10 22.16 -14.29
N TRP A 330 28.18 22.92 -14.16
CA TRP A 330 28.93 22.93 -12.90
C TRP A 330 29.00 24.31 -12.24
N VAL A 331 27.87 25.01 -12.20
CA VAL A 331 27.79 26.25 -11.42
C VAL A 331 28.15 25.94 -9.97
N LYS A 332 27.61 24.84 -9.46
CA LYS A 332 27.92 24.34 -8.12
C LYS A 332 28.47 22.91 -8.21
N THR A 333 29.39 22.55 -7.32
CA THR A 333 30.01 21.24 -7.38
C THR A 333 30.04 20.52 -6.04
N PHE A 334 30.34 19.22 -6.08
CA PHE A 334 30.27 18.36 -4.90
C PHE A 334 31.49 17.45 -4.78
N PRO A 335 31.76 16.95 -3.57
CA PRO A 335 32.95 16.15 -3.25
C PRO A 335 33.25 14.98 -4.20
N LEU A 336 34.53 14.82 -4.52
CA LEU A 336 34.97 13.69 -5.32
C LEU A 336 35.96 12.87 -4.51
N SER A 337 36.18 11.62 -4.96
CA SER A 337 36.90 10.59 -4.21
C SER A 337 36.10 10.24 -2.95
N VAL A 338 34.79 10.47 -3.00
CA VAL A 338 33.92 10.30 -1.84
C VAL A 338 32.79 9.31 -2.09
N TYR A 339 32.72 8.31 -1.23
CA TYR A 339 31.71 7.25 -1.33
C TYR A 339 31.18 6.89 0.06
N GLY A 340 30.00 6.29 0.11
CA GLY A 340 29.43 5.81 1.36
C GLY A 340 29.47 4.29 1.41
N PRO A 341 28.84 3.69 2.42
CA PRO A 341 28.73 2.22 2.49
C PRO A 341 27.43 1.71 1.87
N MET A 342 26.69 2.60 1.21
CA MET A 342 25.44 2.22 0.56
C MET A 342 25.68 1.70 -0.87
N VAL A 343 26.90 1.25 -1.14
CA VAL A 343 27.27 0.71 -2.44
C VAL A 343 26.29 -0.33 -2.98
N LEU A 344 26.01 -1.35 -2.16
CA LEU A 344 25.09 -2.40 -2.57
C LEU A 344 23.67 -1.87 -2.87
N PRO A 345 23.10 -1.01 -1.99
CA PRO A 345 21.84 -0.38 -2.38
C PRO A 345 21.89 0.35 -3.72
N ILE A 346 23.01 0.95 -4.06
CA ILE A 346 23.15 1.58 -5.36
C ILE A 346 23.10 0.55 -6.49
N ILE A 347 23.78 -0.58 -6.30
CA ILE A 347 23.71 -1.68 -7.26
C ILE A 347 22.28 -2.14 -7.46
N ALA A 348 21.53 -2.21 -6.36
CA ALA A 348 20.11 -2.52 -6.41
C ALA A 348 19.36 -1.49 -7.24
N VAL A 349 19.66 -0.21 -7.02
CA VAL A 349 19.07 0.86 -7.82
C VAL A 349 19.30 0.66 -9.30
N PHE A 350 20.53 0.32 -9.67
CA PHE A 350 20.85 0.14 -11.09
C PHE A 350 20.28 -1.13 -11.67
N ILE A 351 20.11 -2.18 -10.88
CA ILE A 351 19.39 -3.35 -11.35
C ILE A 351 17.94 -2.97 -11.66
N ILE A 352 17.34 -2.24 -10.73
CA ILE A 352 16.01 -1.68 -10.95
C ILE A 352 15.95 -0.92 -12.27
N CYS A 353 16.90 -0.02 -12.47
CA CYS A 353 16.94 0.80 -13.66
C CYS A 353 17.20 0.01 -14.95
N ALA A 354 17.95 -1.08 -14.84
CA ALA A 354 18.20 -1.93 -15.99
C ALA A 354 16.90 -2.58 -16.43
N CYS A 355 16.25 -3.29 -15.49
CA CYS A 355 14.99 -3.95 -15.77
C CYS A 355 13.95 -2.95 -16.26
N GLU A 356 13.96 -1.80 -15.61
CA GLU A 356 13.08 -0.71 -15.97
C GLU A 356 13.30 -0.28 -17.40
N CYS A 357 14.55 -0.13 -17.79
CA CYS A 357 14.89 0.19 -19.17
C CYS A 357 14.31 -0.85 -20.10
N ILE A 358 14.58 -2.12 -19.82
CA ILE A 358 14.09 -3.22 -20.66
C ILE A 358 12.59 -3.13 -20.89
N GLY A 359 11.84 -3.06 -19.80
CA GLY A 359 10.39 -2.99 -19.89
C GLY A 359 9.87 -1.75 -20.59
N ASP A 360 10.45 -0.60 -20.25
CA ASP A 360 10.03 0.69 -20.82
C ASP A 360 10.29 0.75 -22.33
N VAL A 361 11.47 0.31 -22.72
CA VAL A 361 11.85 0.24 -24.14
C VAL A 361 10.93 -0.69 -24.92
N THR A 362 10.74 -1.90 -24.42
CA THR A 362 9.85 -2.85 -25.09
C THR A 362 8.45 -2.26 -25.26
N ALA A 363 8.00 -1.57 -24.21
CA ALA A 363 6.73 -0.87 -24.30
C ALA A 363 6.76 0.11 -25.47
N THR A 364 7.83 0.88 -25.56
CA THR A 364 8.01 1.85 -26.66
C THR A 364 8.00 1.24 -28.07
N CYS A 365 8.68 0.11 -28.22
CA CYS A 365 8.72 -0.62 -29.47
C CYS A 365 7.33 -1.03 -29.86
N ASP A 366 6.53 -1.52 -28.92
CA ASP A 366 5.16 -1.85 -29.31
C ASP A 366 4.36 -0.59 -29.61
N VAL A 367 4.65 0.50 -28.93
CA VAL A 367 3.93 1.74 -29.21
C VAL A 367 4.29 2.28 -30.58
N SER A 368 5.57 2.19 -30.91
CA SER A 368 6.11 2.72 -32.16
C SER A 368 6.05 1.74 -33.35
N ARG A 369 5.28 0.66 -33.15
CA ARG A 369 5.01 -0.32 -34.20
C ARG A 369 6.26 -1.03 -34.69
N LEU A 370 7.16 -1.38 -33.78
CA LEU A 370 8.43 -1.96 -34.20
C LEU A 370 8.58 -3.40 -33.74
N GLU A 371 9.76 -3.97 -34.01
CA GLU A 371 10.05 -5.35 -33.63
C GLU A 371 9.91 -5.54 -32.13
N VAL A 372 9.51 -6.74 -31.72
CA VAL A 372 9.31 -7.01 -30.30
C VAL A 372 10.16 -8.21 -29.87
N ARG A 373 10.65 -8.98 -30.84
CA ARG A 373 11.50 -10.13 -30.53
C ARG A 373 12.75 -10.22 -31.42
N GLY A 374 12.85 -9.33 -32.40
CA GLY A 374 13.94 -9.40 -33.35
C GLY A 374 15.31 -9.21 -32.71
N GLY A 375 16.36 -9.52 -33.48
CA GLY A 375 17.72 -9.33 -33.00
C GLY A 375 18.02 -7.85 -32.90
N THR A 376 17.46 -7.09 -33.83
CA THR A 376 17.57 -5.65 -33.85
C THR A 376 16.91 -5.08 -32.60
N PHE A 377 15.78 -5.68 -32.23
CA PHE A 377 15.08 -5.32 -31.02
C PHE A 377 16.00 -5.45 -29.80
N GLU A 378 16.54 -6.63 -29.57
CA GLU A 378 17.39 -6.83 -28.41
C GLU A 378 18.68 -6.01 -28.48
N SER A 379 19.09 -5.68 -29.69
CA SER A 379 20.21 -4.77 -29.90
C SER A 379 19.84 -3.39 -29.37
N ARG A 380 18.61 -2.98 -29.67
CA ARG A 380 18.06 -1.71 -29.20
C ARG A 380 18.04 -1.68 -27.69
N ILE A 381 17.65 -2.81 -27.08
CA ILE A 381 17.63 -2.90 -25.64
C ILE A 381 19.03 -2.80 -25.04
N GLN A 382 19.97 -3.55 -25.60
CA GLN A 382 21.35 -3.51 -25.14
C GLN A 382 21.84 -2.07 -25.14
N GLY A 383 21.61 -1.39 -26.25
CA GLY A 383 21.96 0.00 -26.35
C GLY A 383 21.26 0.84 -25.29
N ALA A 384 19.99 0.54 -25.02
CA ALA A 384 19.21 1.29 -24.04
C ALA A 384 19.82 1.21 -22.64
N VAL A 385 20.15 0.01 -22.21
CA VAL A 385 20.73 -0.19 -20.89
C VAL A 385 22.15 0.35 -20.82
N LEU A 386 22.91 0.16 -21.90
CA LEU A 386 24.27 0.71 -21.99
C LEU A 386 24.28 2.22 -21.85
N ALA A 387 23.46 2.89 -22.65
CA ALA A 387 23.28 4.33 -22.53
C ALA A 387 22.70 4.70 -21.17
N ASP A 388 21.89 3.83 -20.59
CA ASP A 388 21.36 4.06 -19.25
C ASP A 388 22.50 4.25 -18.28
N GLY A 389 23.33 3.24 -18.14
CA GLY A 389 24.42 3.34 -17.17
C GLY A 389 25.48 4.37 -17.53
N ILE A 390 25.78 4.47 -18.83
CA ILE A 390 26.71 5.49 -19.33
C ILE A 390 26.26 6.88 -18.92
N ASN A 391 24.99 7.18 -19.16
CA ASN A 391 24.43 8.46 -18.75
C ASN A 391 24.31 8.58 -17.24
N SER A 392 24.29 7.45 -16.56
CA SER A 392 24.32 7.52 -15.11
C SER A 392 25.68 8.05 -14.64
N VAL A 393 26.77 7.52 -15.19
CA VAL A 393 28.09 8.04 -14.86
C VAL A 393 28.25 9.50 -15.30
N VAL A 394 27.86 9.78 -16.54
CA VAL A 394 27.95 11.12 -17.09
C VAL A 394 27.21 12.12 -16.21
N ALA A 395 25.99 11.77 -15.82
CA ALA A 395 25.19 12.63 -14.97
C ALA A 395 25.84 12.81 -13.59
N ALA A 396 26.35 11.72 -13.03
CA ALA A 396 27.03 11.77 -11.73
C ALA A 396 28.24 12.72 -11.74
N LEU A 397 29.01 12.70 -12.80
CA LEU A 397 30.12 13.65 -12.92
C LEU A 397 29.54 15.07 -12.93
N ALA A 398 28.35 15.20 -13.51
CA ALA A 398 27.64 16.47 -13.56
C ALA A 398 26.85 16.73 -12.28
N THR A 399 27.24 16.02 -11.22
CA THR A 399 26.66 16.14 -9.88
C THR A 399 25.21 15.63 -9.81
N MET A 400 24.83 14.75 -10.73
CA MET A 400 23.45 14.22 -10.77
C MET A 400 23.35 12.76 -10.35
N THR A 401 22.22 12.40 -9.74
CA THR A 401 21.97 11.04 -9.25
C THR A 401 21.60 10.11 -10.40
N PRO A 402 21.67 8.78 -10.18
CA PRO A 402 21.30 7.80 -11.22
C PRO A 402 19.96 8.07 -11.90
N MET A 403 19.94 7.84 -13.20
CA MET A 403 18.78 8.14 -14.01
C MET A 403 18.46 6.95 -14.89
N THR A 404 17.18 6.81 -15.21
CA THR A 404 16.71 5.74 -16.05
C THR A 404 15.51 6.17 -16.90
N THR A 405 14.99 5.21 -17.63
CA THR A 405 14.04 5.47 -18.69
C THR A 405 12.69 5.91 -18.19
N PHE A 406 12.20 7.01 -18.74
CA PHE A 406 10.89 7.53 -18.39
C PHE A 406 9.78 6.89 -19.22
N ALA A 407 8.74 6.41 -18.54
CA ALA A 407 7.74 5.58 -19.19
C ALA A 407 6.42 6.29 -19.52
N GLN A 408 6.29 7.56 -19.15
CA GLN A 408 5.11 8.35 -19.51
C GLN A 408 4.93 8.44 -21.03
N ASN A 409 6.06 8.67 -21.70
CA ASN A 409 6.09 8.99 -23.13
C ASN A 409 5.34 8.02 -24.03
N ASN A 410 5.42 6.74 -23.68
CA ASN A 410 4.84 5.68 -24.48
C ASN A 410 3.35 5.91 -24.65
N VAL A 411 2.76 6.57 -23.66
CA VAL A 411 1.35 6.96 -23.76
C VAL A 411 1.18 8.00 -24.87
N VAL A 412 1.92 9.10 -24.72
CA VAL A 412 1.84 10.25 -25.63
C VAL A 412 1.94 9.80 -27.09
N ILE A 413 3.02 9.08 -27.40
CA ILE A 413 3.23 8.54 -28.73
C ILE A 413 2.01 7.77 -29.19
N ALA A 414 1.57 6.83 -28.35
CA ALA A 414 0.43 5.98 -28.69
C ALA A 414 -0.82 6.83 -28.93
N LEU A 415 -0.91 7.94 -28.21
CA LEU A 415 -2.05 8.82 -28.33
C LEU A 415 -1.83 9.90 -29.37
N THR A 416 -0.59 10.08 -29.79
CA THR A 416 -0.27 11.09 -30.81
C THR A 416 0.13 10.49 -32.16
N ARG A 417 0.29 9.16 -32.21
CA ARG A 417 0.69 8.46 -33.42
C ARG A 417 1.95 9.05 -34.00
N CYS A 418 2.96 9.22 -33.17
CA CYS A 418 4.22 9.77 -33.63
C CYS A 418 5.38 9.35 -32.78
N ALA A 419 6.29 8.58 -33.33
CA ALA A 419 7.49 8.21 -32.58
C ALA A 419 8.73 8.82 -33.18
N ASN A 420 8.58 9.95 -33.88
CA ASN A 420 9.71 10.64 -34.54
C ASN A 420 10.76 11.13 -33.56
N ARG A 421 12.03 10.89 -33.90
CA ARG A 421 13.13 11.32 -33.06
C ARG A 421 13.18 12.84 -32.94
N TRP A 422 12.46 13.54 -33.82
CA TRP A 422 12.46 14.99 -33.82
C TRP A 422 11.62 15.56 -32.69
N ALA A 423 10.57 14.83 -32.33
CA ALA A 423 9.80 15.15 -31.13
C ALA A 423 10.70 15.03 -29.89
N GLY A 424 11.51 13.97 -29.86
CA GLY A 424 12.46 13.74 -28.78
C GLY A 424 13.56 14.76 -28.68
N TYR A 425 14.12 15.14 -29.83
CA TYR A 425 15.20 16.12 -29.89
C TYR A 425 14.69 17.52 -29.58
N CYS A 426 13.52 17.86 -30.10
CA CYS A 426 12.87 19.13 -29.74
C CYS A 426 12.60 19.18 -28.25
N CYS A 427 12.11 18.06 -27.72
CA CYS A 427 11.91 17.92 -26.30
C CYS A 427 13.20 18.24 -25.56
N CYS A 428 14.26 17.52 -25.91
CA CYS A 428 15.58 17.69 -25.29
C CYS A 428 16.02 19.14 -25.27
N LEU A 429 16.01 19.78 -26.44
CA LEU A 429 16.41 21.18 -26.55
C LEU A 429 15.54 22.06 -25.66
N ILE A 430 14.23 21.80 -25.65
CA ILE A 430 13.31 22.55 -24.82
C ILE A 430 13.69 22.44 -23.34
N LEU A 431 14.09 21.24 -22.92
CA LEU A 431 14.52 21.03 -21.55
C LEU A 431 15.81 21.75 -21.22
N ILE A 432 16.81 21.60 -22.08
CA ILE A 432 18.12 22.23 -21.86
C ILE A 432 17.97 23.75 -21.79
N VAL A 433 17.19 24.31 -22.70
CA VAL A 433 16.88 25.74 -22.69
C VAL A 433 16.16 26.14 -21.40
N ALA A 434 15.17 25.35 -21.00
CA ALA A 434 14.45 25.61 -19.76
C ALA A 434 15.41 25.59 -18.57
N GLY A 435 16.44 24.75 -18.66
CA GLY A 435 17.45 24.66 -17.62
C GLY A 435 18.37 25.85 -17.58
N ILE A 436 18.72 26.38 -18.74
CA ILE A 436 19.56 27.57 -18.82
C ILE A 436 18.90 28.75 -18.12
N PHE A 437 17.67 29.04 -18.51
CA PHE A 437 16.89 30.12 -17.91
C PHE A 437 16.54 29.78 -16.47
N ALA A 438 17.51 29.94 -15.56
CA ALA A 438 17.36 29.49 -14.18
C ALA A 438 16.43 30.35 -13.31
N LYS A 439 15.37 30.87 -13.91
CA LYS A 439 14.33 31.57 -13.17
C LYS A 439 13.14 30.65 -13.08
N PHE A 440 13.03 29.77 -14.07
CA PHE A 440 12.02 28.73 -14.08
C PHE A 440 12.32 27.76 -12.94
N ALA A 441 13.58 27.36 -12.84
CA ALA A 441 14.02 26.47 -11.76
C ALA A 441 13.61 27.00 -10.40
N ALA A 442 13.84 28.28 -10.17
CA ALA A 442 13.48 28.91 -8.90
C ALA A 442 11.97 28.99 -8.74
N ALA A 443 11.27 29.20 -9.85
CA ALA A 443 9.81 29.26 -9.83
C ALA A 443 9.26 27.92 -9.38
N ILE A 444 9.95 26.85 -9.77
CA ILE A 444 9.64 25.50 -9.32
C ILE A 444 9.94 25.31 -7.84
N VAL A 445 11.11 25.77 -7.43
CA VAL A 445 11.50 25.73 -6.02
C VAL A 445 10.49 26.54 -5.18
N ALA A 446 9.92 27.59 -5.77
CA ALA A 446 8.99 28.48 -5.07
C ALA A 446 7.54 28.02 -5.12
N ILE A 447 7.33 26.74 -5.38
CA ILE A 447 6.01 26.16 -5.28
C ILE A 447 5.80 25.69 -3.85
N PRO A 448 4.65 26.05 -3.25
CA PRO A 448 4.31 25.65 -1.89
C PRO A 448 4.39 24.13 -1.72
N ASN A 449 4.74 23.66 -0.53
CA ASN A 449 4.88 22.23 -0.31
C ASN A 449 3.57 21.48 -0.48
N SER A 450 2.45 22.19 -0.43
CA SER A 450 1.13 21.58 -0.55
C SER A 450 0.75 21.25 -1.97
N VAL A 451 0.99 22.18 -2.88
CA VAL A 451 0.78 21.97 -4.31
C VAL A 451 1.65 20.80 -4.77
N MET A 452 2.94 20.95 -4.47
CA MET A 452 3.94 19.90 -4.62
C MET A 452 3.45 18.59 -4.03
N GLY A 453 2.78 18.71 -2.89
CA GLY A 453 2.26 17.57 -2.16
C GLY A 453 1.22 16.79 -2.93
N GLY A 454 0.15 17.46 -3.36
CA GLY A 454 -0.88 16.81 -4.14
C GLY A 454 -0.30 16.15 -5.38
N MET A 455 0.51 16.93 -6.10
CA MET A 455 1.10 16.46 -7.36
C MET A 455 1.96 15.20 -7.15
N LYS A 456 2.90 15.28 -6.20
CA LYS A 456 3.81 14.18 -5.93
C LYS A 456 3.07 12.96 -5.44
N THR A 457 2.07 13.19 -4.61
CA THR A 457 1.23 12.12 -4.11
C THR A 457 0.60 11.36 -5.27
N PHE A 458 0.06 12.10 -6.24
CA PHE A 458 -0.49 11.46 -7.45
C PHE A 458 0.56 10.61 -8.15
N LEU A 459 1.75 11.20 -8.25
CA LEU A 459 2.89 10.59 -8.94
C LEU A 459 3.25 9.21 -8.34
N PHE A 460 3.49 9.19 -7.02
CA PHE A 460 3.85 7.96 -6.29
C PHE A 460 2.72 6.93 -6.23
N ALA A 461 1.49 7.41 -6.10
CA ALA A 461 0.32 6.54 -6.15
C ALA A 461 0.34 5.77 -7.46
N SER A 462 0.57 6.51 -8.54
CA SER A 462 0.71 5.93 -9.87
C SER A 462 1.85 4.92 -9.95
N VAL A 463 2.97 5.21 -9.28
CA VAL A 463 4.06 4.25 -9.21
C VAL A 463 3.60 2.90 -8.61
N VAL A 464 2.93 2.97 -7.46
CA VAL A 464 2.40 1.78 -6.77
C VAL A 464 1.46 0.96 -7.64
N ILE A 465 0.48 1.65 -8.21
CA ILE A 465 -0.49 1.01 -9.10
C ILE A 465 0.23 0.36 -10.29
N SER A 466 1.22 1.05 -10.84
CA SER A 466 1.96 0.50 -11.96
C SER A 466 2.70 -0.78 -11.55
N GLY A 467 3.28 -0.77 -10.36
CA GLY A 467 3.90 -1.98 -9.84
C GLY A 467 2.88 -3.11 -9.75
N GLN A 468 1.66 -2.77 -9.41
CA GLN A 468 0.56 -3.75 -9.33
C GLN A 468 0.20 -4.33 -10.69
N ALA A 469 0.13 -3.45 -11.70
CA ALA A 469 -0.10 -3.89 -13.07
C ALA A 469 1.02 -4.85 -13.48
N ILE A 470 2.25 -4.55 -13.08
CA ILE A 470 3.34 -5.50 -13.30
C ILE A 470 3.04 -6.84 -12.66
N VAL A 471 2.54 -6.80 -11.41
CA VAL A 471 2.19 -7.99 -10.64
C VAL A 471 1.22 -8.91 -11.36
N ALA A 472 0.14 -8.33 -11.86
CA ALA A 472 -0.97 -9.09 -12.46
C ALA A 472 -0.60 -9.91 -13.70
N LYS A 473 0.63 -9.76 -14.20
CA LYS A 473 1.09 -10.51 -15.36
C LYS A 473 1.27 -12.00 -15.06
N ALA A 474 1.43 -12.32 -13.79
CA ALA A 474 1.63 -13.70 -13.36
C ALA A 474 0.33 -14.28 -12.79
N PRO A 475 -0.04 -15.49 -13.25
CA PRO A 475 -1.27 -16.19 -12.86
C PRO A 475 -1.49 -16.15 -11.35
N PHE A 476 -2.57 -15.51 -10.91
CA PHE A 476 -2.86 -15.39 -9.49
C PHE A 476 -3.27 -16.74 -8.88
N THR A 477 -2.28 -17.52 -8.46
CA THR A 477 -2.51 -18.76 -7.75
C THR A 477 -2.37 -18.54 -6.25
N ARG A 478 -2.78 -19.53 -5.47
CA ARG A 478 -2.56 -19.51 -4.02
C ARG A 478 -1.07 -19.32 -3.72
N ARG A 479 -0.22 -19.93 -4.55
CA ARG A 479 1.22 -19.78 -4.45
C ARG A 479 1.65 -18.33 -4.65
N ASN A 480 1.25 -17.75 -5.79
CA ASN A 480 1.61 -16.36 -6.08
C ASN A 480 0.99 -15.39 -5.08
N ARG A 481 -0.26 -15.61 -4.67
CA ARG A 481 -0.91 -14.79 -3.65
C ARG A 481 -0.20 -14.83 -2.30
N PHE A 482 0.25 -16.03 -1.92
CA PHE A 482 1.01 -16.24 -0.70
C PHE A 482 2.34 -15.48 -0.76
N ILE A 483 3.09 -15.70 -1.84
CA ILE A 483 4.36 -15.01 -2.05
C ILE A 483 4.21 -13.49 -2.02
N LEU A 484 3.19 -12.97 -2.70
CA LEU A 484 2.88 -11.55 -2.66
C LEU A 484 2.60 -11.06 -1.25
N THR A 485 1.78 -11.81 -0.53
CA THR A 485 1.43 -11.51 0.85
C THR A 485 2.66 -11.37 1.74
N ALA A 486 3.47 -12.43 1.79
CA ALA A 486 4.67 -12.41 2.62
C ALA A 486 5.62 -11.29 2.20
N SER A 487 5.83 -11.14 0.89
CA SER A 487 6.77 -10.14 0.36
C SER A 487 6.37 -8.71 0.69
N MET A 488 5.10 -8.38 0.44
CA MET A 488 4.58 -7.06 0.77
C MET A 488 4.67 -6.81 2.27
N ALA A 489 4.11 -7.73 3.04
CA ALA A 489 4.01 -7.58 4.48
C ALA A 489 5.38 -7.41 5.13
N LEU A 490 6.33 -8.24 4.74
CA LEU A 490 7.65 -8.21 5.35
C LEU A 490 8.51 -7.05 4.85
N GLY A 491 8.34 -6.68 3.59
CA GLY A 491 9.06 -5.52 3.09
C GLY A 491 8.64 -4.27 3.83
N TYR A 492 7.33 -4.04 3.87
CA TYR A 492 6.78 -2.85 4.52
C TYR A 492 7.04 -2.86 6.04
N GLY A 493 7.02 -4.06 6.62
CA GLY A 493 7.35 -4.19 8.01
C GLY A 493 8.79 -3.77 8.25
N ALA A 494 9.68 -4.17 7.33
CA ALA A 494 11.07 -3.75 7.40
C ALA A 494 11.17 -2.24 7.30
N THR A 495 10.27 -1.62 6.53
CA THR A 495 10.20 -0.16 6.49
C THR A 495 9.87 0.45 7.84
N LEU A 496 8.88 -0.14 8.53
CA LEU A 496 8.38 0.39 9.81
C LEU A 496 9.43 0.57 10.93
N VAL A 497 10.33 -0.40 11.08
CA VAL A 497 11.37 -0.37 12.09
C VAL A 497 12.47 0.65 11.79
N PRO A 498 12.85 1.45 12.80
CA PRO A 498 13.96 2.43 12.72
C PRO A 498 15.34 1.81 12.49
N THR A 499 15.78 0.90 13.37
CA THR A 499 17.10 0.28 13.22
C THR A 499 17.34 -0.96 14.08
N TRP A 500 18.35 -1.75 13.70
CA TRP A 500 18.77 -2.91 14.48
C TRP A 500 20.18 -2.72 15.04
N PHE A 501 20.46 -3.46 16.10
CA PHE A 501 21.66 -3.26 16.88
C PHE A 501 22.04 -4.54 17.61
N GLY A 502 21.03 -5.25 18.09
CA GLY A 502 21.19 -6.31 19.07
C GLY A 502 22.24 -7.40 18.87
N ASN A 503 22.94 -7.37 17.74
CA ASN A 503 23.90 -8.42 17.45
C ASN A 503 25.35 -7.99 17.61
N VAL A 504 25.92 -7.40 16.57
CA VAL A 504 27.31 -6.95 16.62
C VAL A 504 27.44 -5.57 17.27
N PHE A 505 26.33 -4.84 17.33
CA PHE A 505 26.34 -3.46 17.81
C PHE A 505 25.36 -3.17 18.97
N PRO A 506 25.02 -4.18 19.81
CA PRO A 506 24.01 -3.80 20.80
C PRO A 506 24.60 -2.94 21.93
N GLN A 507 25.90 -3.07 22.14
CA GLN A 507 26.60 -2.39 23.23
C GLN A 507 27.29 -1.14 22.71
N THR A 508 26.94 -0.76 21.48
CA THR A 508 27.60 0.33 20.75
C THR A 508 29.08 0.00 20.60
N GLU A 509 29.37 -1.07 19.84
CA GLU A 509 30.73 -1.53 19.63
C GLU A 509 31.35 -0.92 18.37
N ASN A 510 32.65 -1.11 18.22
CA ASN A 510 33.36 -0.54 17.08
C ASN A 510 34.44 -1.50 16.61
N ARG A 511 34.07 -2.40 15.71
CA ARG A 511 35.02 -3.30 15.09
C ARG A 511 35.04 -3.01 13.60
N ASP A 512 35.91 -3.69 12.86
CA ASP A 512 36.01 -3.48 11.41
C ASP A 512 34.69 -3.80 10.71
N LEU A 513 33.96 -4.78 11.24
CA LEU A 513 32.67 -5.16 10.68
C LEU A 513 31.61 -4.08 10.85
N GLU A 514 31.55 -3.53 12.07
CA GLU A 514 30.51 -2.59 12.49
C GLU A 514 30.18 -1.50 11.46
N GLY A 515 31.20 -1.00 10.79
CA GLY A 515 31.00 -0.03 9.73
C GLY A 515 30.15 -0.54 8.56
N PHE A 516 30.20 -1.84 8.29
CA PHE A 516 29.43 -2.42 7.18
C PHE A 516 28.27 -3.24 7.72
N GLU A 517 28.30 -3.52 9.02
CA GLU A 517 27.09 -3.86 9.75
C GLU A 517 26.12 -2.72 9.49
N ASN A 518 26.66 -1.50 9.47
CA ASN A 518 25.86 -0.32 9.13
C ASN A 518 25.31 -0.36 7.70
N ALA A 519 26.06 -0.97 6.77
CA ALA A 519 25.58 -1.15 5.40
C ALA A 519 24.42 -2.15 5.32
N ILE A 520 24.56 -3.25 6.04
CA ILE A 520 23.48 -4.23 6.15
C ILE A 520 22.26 -3.52 6.74
N GLU A 521 22.52 -2.64 7.71
CA GLU A 521 21.47 -1.81 8.29
C GLU A 521 20.81 -0.96 7.21
N LEU A 522 21.62 -0.47 6.26
CA LEU A 522 21.10 0.35 5.16
C LEU A 522 20.14 -0.42 4.26
N VAL A 523 20.56 -1.62 3.81
CA VAL A 523 19.70 -2.43 2.96
C VAL A 523 18.44 -2.84 3.72
N LEU A 524 18.67 -3.32 4.94
CA LEU A 524 17.60 -3.75 5.85
C LEU A 524 16.53 -2.69 6.00
N GLU A 525 16.97 -1.45 6.17
CA GLU A 525 16.06 -0.34 6.35
C GLU A 525 15.21 -0.12 5.11
N THR A 526 15.84 -0.27 3.94
CA THR A 526 15.15 -0.19 2.66
C THR A 526 14.01 -1.20 2.55
N GLY A 527 12.82 -0.71 2.21
CA GLY A 527 11.66 -1.57 2.13
C GLY A 527 11.64 -2.50 0.94
N PHE A 528 11.86 -1.95 -0.25
CA PHE A 528 11.71 -2.75 -1.47
C PHE A 528 12.79 -3.80 -1.64
N ALA A 529 14.00 -3.54 -1.16
CA ALA A 529 15.07 -4.53 -1.23
C ALA A 529 14.65 -5.77 -0.47
N VAL A 530 14.11 -5.55 0.73
CA VAL A 530 13.57 -6.61 1.57
C VAL A 530 12.41 -7.33 0.87
N THR A 531 11.47 -6.53 0.35
CA THR A 531 10.33 -7.06 -0.38
C THR A 531 10.79 -8.05 -1.44
N ALA A 532 11.74 -7.61 -2.24
CA ALA A 532 12.28 -8.38 -3.34
C ALA A 532 13.00 -9.63 -2.88
N PHE A 533 13.80 -9.51 -1.82
CA PHE A 533 14.52 -10.68 -1.33
C PHE A 533 13.54 -11.76 -0.89
N VAL A 534 12.53 -11.34 -0.14
CA VAL A 534 11.48 -12.27 0.28
C VAL A 534 10.80 -12.89 -0.93
N ALA A 535 10.49 -12.05 -1.92
CA ALA A 535 9.79 -12.48 -3.12
C ALA A 535 10.56 -13.55 -3.89
N MET A 536 11.81 -13.26 -4.20
CA MET A 536 12.66 -14.18 -4.94
C MET A 536 12.93 -15.46 -4.18
N LEU A 537 13.20 -15.33 -2.89
CA LEU A 537 13.49 -16.51 -2.06
C LEU A 537 12.29 -17.44 -2.02
N LEU A 538 11.11 -16.87 -1.80
CA LEU A 538 9.88 -17.64 -1.79
C LEU A 538 9.60 -18.29 -3.14
N ASN A 539 9.66 -17.49 -4.20
CA ASN A 539 9.41 -17.96 -5.56
C ASN A 539 10.36 -19.09 -5.95
N ALA A 540 11.57 -19.06 -5.39
CA ALA A 540 12.55 -20.11 -5.59
C ALA A 540 12.17 -21.38 -4.84
N ILE A 541 11.99 -21.27 -3.52
CA ILE A 541 11.83 -22.46 -2.69
C ILE A 541 10.40 -22.99 -2.64
N MET A 542 9.43 -22.19 -3.06
CA MET A 542 8.05 -22.67 -3.10
C MET A 542 7.84 -23.56 -4.32
N PRO A 543 7.17 -24.69 -4.13
CA PRO A 543 6.90 -25.64 -5.23
C PRO A 543 5.91 -25.06 -6.24
N ALA A 544 6.04 -25.48 -7.50
CA ALA A 544 5.18 -25.01 -8.57
C ALA A 544 3.76 -25.58 -8.45
N GLU A 545 2.78 -24.68 -8.31
CA GLU A 545 1.39 -25.10 -8.16
C GLU A 545 0.77 -25.54 -9.49
N PRO B 66 -10.07 -38.39 -5.59
CA PRO B 66 -11.50 -38.71 -5.63
C PRO B 66 -12.38 -37.58 -5.12
N PHE B 67 -13.03 -36.86 -6.04
CA PHE B 67 -13.86 -35.71 -5.67
C PHE B 67 -15.23 -36.12 -5.12
N PHE B 68 -15.58 -35.58 -3.95
CA PHE B 68 -16.84 -35.86 -3.29
C PHE B 68 -17.87 -34.78 -3.56
N GLY B 69 -19.05 -35.19 -4.03
CA GLY B 69 -20.12 -34.26 -4.30
C GLY B 69 -20.77 -33.77 -3.01
N LEU B 70 -21.70 -32.84 -3.14
CA LEU B 70 -22.39 -32.25 -2.00
C LEU B 70 -23.09 -33.25 -1.10
N ASN B 71 -24.04 -33.99 -1.68
CA ASN B 71 -24.89 -34.90 -0.92
C ASN B 71 -24.50 -36.35 -1.11
N GLU B 72 -23.60 -36.80 -0.25
CA GLU B 72 -23.17 -38.18 -0.18
C GLU B 72 -22.60 -38.44 1.20
N LYS B 73 -22.90 -39.58 1.79
CA LYS B 73 -22.30 -39.89 3.08
C LYS B 73 -20.88 -40.39 2.90
N ILE B 74 -19.97 -39.82 3.69
CA ILE B 74 -18.56 -40.18 3.69
C ILE B 74 -18.25 -40.83 5.04
N PRO B 75 -17.12 -41.54 5.16
CA PRO B 75 -16.73 -42.04 6.48
C PRO B 75 -16.76 -40.94 7.53
N VAL B 76 -17.56 -41.10 8.57
CA VAL B 76 -17.79 -40.04 9.54
C VAL B 76 -16.51 -39.57 10.25
N LEU B 77 -15.49 -40.41 10.27
CA LEU B 77 -14.17 -39.99 10.73
C LEU B 77 -13.63 -38.92 9.80
N LEU B 78 -13.75 -39.15 8.50
CA LEU B 78 -13.32 -38.17 7.50
C LEU B 78 -14.10 -36.88 7.66
N ALA B 79 -15.42 -36.98 7.75
CA ALA B 79 -16.28 -35.80 7.90
C ALA B 79 -15.88 -34.99 9.12
N PHE B 80 -15.57 -35.68 10.22
CA PHE B 80 -15.08 -35.01 11.43
C PHE B 80 -13.76 -34.31 11.19
N ILE B 81 -12.84 -35.00 10.53
CA ILE B 81 -11.49 -34.47 10.29
C ILE B 81 -11.51 -33.23 9.40
N LEU B 82 -12.25 -33.30 8.30
CA LEU B 82 -12.42 -32.14 7.44
C LEU B 82 -13.16 -31.04 8.19
N GLY B 83 -14.09 -31.43 9.05
CA GLY B 83 -14.77 -30.48 9.93
C GLY B 83 -13.76 -29.75 10.78
N LEU B 84 -12.75 -30.49 11.24
CA LEU B 84 -11.68 -29.93 12.04
C LEU B 84 -10.80 -28.99 11.22
N GLN B 85 -10.44 -29.40 10.01
CA GLN B 85 -9.62 -28.57 9.15
C GLN B 85 -10.32 -27.26 8.82
N HIS B 86 -11.63 -27.34 8.55
CA HIS B 86 -12.42 -26.13 8.32
C HIS B 86 -12.45 -25.27 9.57
N ALA B 87 -12.71 -25.92 10.71
CA ALA B 87 -12.78 -25.21 11.97
C ALA B 87 -11.50 -24.43 12.22
N LEU B 88 -10.36 -25.12 12.15
CA LEU B 88 -9.09 -24.48 12.38
C LEU B 88 -8.79 -23.41 11.33
N ALA B 89 -9.22 -23.67 10.11
CA ALA B 89 -8.95 -22.77 8.99
C ALA B 89 -9.62 -21.43 9.22
N MET B 90 -10.89 -21.48 9.60
CA MET B 90 -11.68 -20.28 9.80
C MET B 90 -11.50 -19.69 11.20
N LEU B 91 -10.86 -20.46 12.07
CA LEU B 91 -10.61 -20.08 13.46
C LEU B 91 -10.03 -18.67 13.60
N ALA B 92 -8.95 -18.40 12.87
CA ALA B 92 -8.27 -17.12 12.94
C ALA B 92 -9.22 -15.98 12.54
N GLY B 93 -9.93 -16.20 11.44
CA GLY B 93 -10.85 -15.20 10.93
C GLY B 93 -12.05 -14.91 11.82
N VAL B 94 -12.51 -15.93 12.56
CA VAL B 94 -13.62 -15.79 13.50
C VAL B 94 -13.18 -15.12 14.81
N VAL B 95 -12.05 -15.59 15.31
CA VAL B 95 -11.46 -15.14 16.56
C VAL B 95 -10.94 -13.71 16.55
N THR B 96 -10.25 -13.32 15.48
CA THR B 96 -9.49 -12.07 15.47
C THR B 96 -10.33 -10.77 15.63
N PRO B 97 -11.44 -10.60 14.87
CA PRO B 97 -12.20 -9.36 15.05
C PRO B 97 -12.75 -9.11 16.47
N PRO B 98 -13.26 -10.14 17.16
CA PRO B 98 -13.59 -9.81 18.55
C PRO B 98 -12.39 -9.25 19.31
N LEU B 99 -11.22 -9.86 19.18
CA LEU B 99 -10.05 -9.34 19.87
C LEU B 99 -9.75 -7.89 19.49
N ILE B 100 -9.89 -7.58 18.21
CA ILE B 100 -9.60 -6.23 17.71
C ILE B 100 -10.60 -5.21 18.24
N ILE B 101 -11.90 -5.48 18.12
CA ILE B 101 -12.92 -4.58 18.66
C ILE B 101 -12.79 -4.40 20.19
N SER B 102 -12.60 -5.50 20.91
CA SER B 102 -12.52 -5.41 22.37
C SER B 102 -11.33 -4.57 22.80
N SER B 103 -10.16 -4.86 22.25
CA SER B 103 -8.96 -4.14 22.68
C SER B 103 -9.07 -2.64 22.41
N SER B 104 -9.76 -2.28 21.34
CA SER B 104 -9.90 -0.88 20.95
C SER B 104 -11.05 -0.18 21.66
N LEU B 105 -11.70 -0.88 22.60
CA LEU B 105 -12.83 -0.27 23.30
C LEU B 105 -12.78 -0.51 24.81
N SER B 106 -12.38 -1.71 25.21
CA SER B 106 -12.43 -2.11 26.61
C SER B 106 -11.16 -2.86 27.00
N LEU B 107 -11.12 -3.27 28.26
CA LEU B 107 -10.04 -4.11 28.76
C LEU B 107 -10.53 -5.49 29.27
N PRO B 108 -11.62 -5.54 30.09
CA PRO B 108 -11.95 -6.77 30.86
C PRO B 108 -11.82 -8.09 30.10
N SER B 109 -10.90 -8.93 30.57
CA SER B 109 -10.68 -10.24 29.98
C SER B 109 -11.93 -11.10 30.01
N ASP B 110 -12.80 -10.83 30.98
CA ASP B 110 -14.08 -11.51 31.08
C ASP B 110 -14.86 -11.38 29.78
N LEU B 111 -15.00 -10.13 29.33
CA LEU B 111 -15.79 -9.85 28.14
C LEU B 111 -15.11 -10.36 26.88
N GLN B 112 -13.78 -10.35 26.84
CA GLN B 112 -13.06 -10.84 25.67
C GLN B 112 -13.23 -12.35 25.51
N GLN B 113 -13.02 -13.08 26.61
CA GLN B 113 -13.24 -14.52 26.63
C GLN B 113 -14.67 -14.82 26.19
N TYR B 114 -15.59 -14.05 26.76
CA TYR B 114 -17.00 -14.17 26.41
C TYR B 114 -17.24 -14.01 24.91
N LEU B 115 -16.78 -12.93 24.30
CA LEU B 115 -17.02 -12.67 22.87
C LEU B 115 -16.28 -13.60 21.91
N VAL B 116 -15.14 -14.13 22.32
CA VAL B 116 -14.47 -15.14 21.52
C VAL B 116 -15.33 -16.41 21.50
N SER B 117 -15.72 -16.89 22.68
CA SER B 117 -16.54 -18.11 22.81
C SER B 117 -17.92 -17.96 22.19
N THR B 118 -18.50 -16.78 22.37
CA THR B 118 -19.79 -16.42 21.81
C THR B 118 -19.68 -16.44 20.31
N SER B 119 -18.57 -15.90 19.82
CA SER B 119 -18.36 -15.86 18.39
C SER B 119 -18.27 -17.28 17.85
N LEU B 120 -17.48 -18.13 18.50
CA LEU B 120 -17.33 -19.52 18.06
C LEU B 120 -18.69 -20.20 17.95
N ILE B 121 -19.45 -20.15 19.03
CA ILE B 121 -20.77 -20.76 19.06
C ILE B 121 -21.70 -20.22 17.96
N VAL B 122 -21.87 -18.90 17.93
CA VAL B 122 -22.78 -18.24 16.99
C VAL B 122 -22.41 -18.54 15.54
N CYS B 123 -21.12 -18.52 15.26
CA CYS B 123 -20.64 -18.81 13.92
C CYS B 123 -20.90 -20.25 13.52
N GLY B 124 -20.68 -21.18 14.45
CA GLY B 124 -21.04 -22.56 14.20
C GLY B 124 -22.51 -22.67 13.83
N LEU B 125 -23.35 -22.03 14.64
CA LEU B 125 -24.79 -22.08 14.44
C LEU B 125 -25.25 -21.51 13.09
N LEU B 126 -24.73 -20.36 12.71
CA LEU B 126 -25.25 -19.70 11.51
C LEU B 126 -24.59 -20.25 10.24
N SER B 127 -23.41 -20.84 10.40
CA SER B 127 -22.84 -21.63 9.33
C SER B 127 -23.77 -22.80 9.09
N MET B 128 -24.20 -23.45 10.17
CA MET B 128 -25.20 -24.51 10.06
C MET B 128 -26.46 -23.99 9.37
N VAL B 129 -26.82 -22.74 9.64
CA VAL B 129 -27.97 -22.13 8.99
C VAL B 129 -27.82 -22.02 7.46
N GLN B 130 -26.67 -21.54 6.97
CA GLN B 130 -26.54 -21.37 5.52
C GLN B 130 -25.99 -22.61 4.78
N ILE B 131 -25.50 -23.61 5.52
CA ILE B 131 -25.04 -24.83 4.85
C ILE B 131 -26.28 -25.55 4.31
N THR B 132 -27.44 -25.21 4.87
CA THR B 132 -28.68 -25.84 4.46
C THR B 132 -29.70 -24.82 3.97
N SER B 145 -28.11 -21.16 1.27
CA SER B 145 -27.43 -22.00 0.29
C SER B 145 -27.48 -23.49 0.66
N GLY B 146 -27.16 -24.34 -0.31
CA GLY B 146 -27.19 -25.77 -0.09
C GLY B 146 -25.85 -26.43 -0.32
N VAL B 147 -24.78 -25.64 -0.25
CA VAL B 147 -23.43 -26.15 -0.48
C VAL B 147 -22.57 -25.52 0.59
N LEU B 148 -21.38 -26.06 0.84
CA LEU B 148 -20.50 -25.59 1.92
C LEU B 148 -20.42 -24.07 2.01
N SER B 149 -21.27 -23.49 2.83
CA SER B 149 -21.37 -22.06 2.98
C SER B 149 -20.97 -21.67 4.38
N VAL B 150 -19.67 -21.62 4.61
CA VAL B 150 -19.10 -21.28 5.90
C VAL B 150 -19.31 -19.80 6.19
N MET B 151 -19.82 -19.49 7.38
CA MET B 151 -20.08 -18.12 7.76
C MET B 151 -19.23 -17.73 8.97
N GLY B 152 -18.84 -16.46 9.04
CA GLY B 152 -18.04 -15.97 10.14
C GLY B 152 -17.97 -14.46 10.13
N VAL B 153 -17.52 -13.87 11.23
CA VAL B 153 -17.52 -12.42 11.41
C VAL B 153 -16.71 -11.68 10.32
N SER B 154 -17.31 -10.62 9.77
CA SER B 154 -16.69 -9.86 8.68
C SER B 154 -15.61 -8.92 9.22
N PHE B 155 -14.65 -8.54 8.38
CA PHE B 155 -13.58 -7.63 8.80
C PHE B 155 -13.87 -6.17 8.45
N SER B 156 -14.94 -5.92 7.71
CA SER B 156 -15.30 -4.55 7.29
C SER B 156 -15.81 -3.74 8.48
N ILE B 157 -16.51 -4.44 9.37
CA ILE B 157 -17.15 -3.78 10.48
C ILE B 157 -16.08 -3.18 11.38
N ILE B 158 -14.88 -3.76 11.40
CA ILE B 158 -13.79 -3.21 12.19
C ILE B 158 -13.39 -1.83 11.68
N SER B 159 -13.08 -1.76 10.38
CA SER B 159 -12.71 -0.51 9.72
C SER B 159 -13.77 0.57 9.93
N VAL B 160 -15.05 0.19 9.93
CA VAL B 160 -16.09 1.17 10.29
C VAL B 160 -16.03 1.60 11.77
N ALA B 161 -15.95 0.61 12.66
CA ALA B 161 -15.98 0.85 14.10
C ALA B 161 -14.78 1.64 14.60
N SER B 162 -13.69 1.68 13.86
CA SER B 162 -12.55 2.46 14.29
C SER B 162 -12.95 3.93 14.34
N GLY B 163 -13.44 4.43 13.20
CA GLY B 163 -13.87 5.80 13.09
C GLY B 163 -15.06 6.06 13.98
N ALA B 164 -15.97 5.09 14.03
CA ALA B 164 -17.13 5.22 14.91
C ALA B 164 -16.69 5.50 16.34
N PHE B 165 -15.94 4.57 16.92
CA PHE B 165 -15.48 4.69 18.30
C PHE B 165 -14.67 5.93 18.54
N ASN B 166 -13.81 6.28 17.58
CA ASN B 166 -13.01 7.48 17.73
C ASN B 166 -13.89 8.71 17.88
N GLN B 167 -14.96 8.78 17.10
CA GLN B 167 -15.90 9.90 17.25
C GLN B 167 -16.75 9.80 18.53
N MET B 168 -17.07 8.58 18.95
CA MET B 168 -17.84 8.37 20.18
C MET B 168 -17.01 8.84 21.38
N TYR B 169 -15.70 8.69 21.30
CA TYR B 169 -14.79 9.12 22.34
C TYR B 169 -14.46 10.60 22.18
N SER B 170 -14.68 11.14 21.00
CA SER B 170 -14.37 12.53 20.75
C SER B 170 -15.53 13.43 21.13
N ASN B 171 -16.58 13.39 20.31
CA ASN B 171 -17.76 14.23 20.53
C ASN B 171 -18.91 13.40 21.07
N GLY B 172 -18.72 12.08 21.11
CA GLY B 172 -19.76 11.19 21.55
C GLY B 172 -19.88 11.19 23.07
N PHE B 173 -20.51 10.14 23.60
CA PHE B 173 -20.78 10.07 25.03
C PHE B 173 -19.69 9.44 25.89
N CYS B 174 -18.87 8.59 25.27
CA CYS B 174 -17.85 7.83 25.97
C CYS B 174 -16.77 8.70 26.62
N GLN B 175 -16.06 8.17 27.59
CA GLN B 175 -15.14 8.97 28.40
C GLN B 175 -13.66 8.58 28.31
N LEU B 176 -12.78 9.50 28.71
CA LEU B 176 -11.32 9.31 28.65
C LEU B 176 -10.54 9.59 29.96
N ASP B 177 -9.36 8.99 30.09
CA ASP B 177 -8.47 9.24 31.24
C ASP B 177 -6.99 9.35 30.87
N GLU B 178 -6.24 10.09 31.69
CA GLU B 178 -4.80 10.29 31.56
C GLU B 178 -4.25 10.58 30.15
N ALA B 179 -4.89 11.50 29.43
CA ALA B 179 -4.45 11.90 28.08
C ALA B 179 -4.57 10.78 27.02
N GLY B 180 -4.35 9.54 27.41
CA GLY B 180 -4.39 8.45 26.43
C GLY B 180 -5.41 7.36 26.69
N ASN B 181 -5.47 6.91 27.94
CA ASN B 181 -6.21 5.69 28.28
C ASN B 181 -7.73 5.88 28.19
N ARG B 182 -8.38 5.10 27.33
CA ARG B 182 -9.83 5.16 27.20
C ARG B 182 -10.57 4.22 28.14
N LEU B 183 -11.66 4.72 28.73
CA LEU B 183 -12.54 3.89 29.53
C LEU B 183 -13.43 3.00 28.68
N PRO B 184 -13.57 1.72 29.05
CA PRO B 184 -14.45 0.81 28.32
C PRO B 184 -15.85 1.39 28.25
N CYS B 185 -16.49 1.31 27.10
CA CYS B 185 -17.78 1.97 26.91
C CYS B 185 -18.72 1.06 26.13
N PRO B 186 -19.40 0.15 26.83
CA PRO B 186 -20.24 -0.88 26.21
C PRO B 186 -21.45 -0.31 25.47
N GLU B 187 -21.88 0.90 25.83
CA GLU B 187 -23.02 1.51 25.15
C GLU B 187 -22.71 1.75 23.67
N ALA B 188 -21.42 1.90 23.36
CA ALA B 188 -20.94 2.02 21.98
C ALA B 188 -21.14 0.73 21.20
N TYR B 189 -20.78 -0.37 21.82
CA TYR B 189 -20.99 -1.70 21.26
C TYR B 189 -22.47 -1.96 21.08
N GLY B 190 -23.26 -1.54 22.07
CA GLY B 190 -24.71 -1.67 22.00
C GLY B 190 -25.28 -0.88 20.84
N ALA B 191 -24.72 0.30 20.61
CA ALA B 191 -25.16 1.12 19.49
C ALA B 191 -24.81 0.41 18.20
N LEU B 192 -23.59 -0.12 18.17
CA LEU B 192 -23.09 -0.86 17.03
C LEU B 192 -24.02 -2.02 16.64
N ILE B 193 -24.42 -2.78 17.64
CA ILE B 193 -25.26 -3.96 17.42
C ILE B 193 -26.68 -3.56 17.05
N GLY B 194 -27.17 -2.48 17.65
CA GLY B 194 -28.52 -2.02 17.34
C GLY B 194 -28.60 -1.55 15.90
N THR B 195 -27.61 -0.75 15.52
CA THR B 195 -27.51 -0.22 14.17
C THR B 195 -27.29 -1.30 13.11
N SER B 196 -26.42 -2.26 13.42
CA SER B 196 -26.12 -3.34 12.49
C SER B 196 -27.32 -4.28 12.33
N ALA B 197 -27.99 -4.56 13.44
CA ALA B 197 -29.23 -5.34 13.42
C ALA B 197 -30.29 -4.61 12.58
N CYS B 198 -30.32 -3.30 12.72
CA CYS B 198 -31.16 -2.44 11.90
C CYS B 198 -30.91 -2.58 10.41
N CYS B 199 -29.65 -2.45 10.00
CA CYS B 199 -29.29 -2.39 8.58
C CYS B 199 -29.09 -3.75 7.90
N ALA B 200 -29.01 -4.81 8.70
CA ALA B 200 -28.99 -6.15 8.14
C ALA B 200 -30.28 -6.38 7.37
N LEU B 201 -31.34 -5.79 7.88
CA LEU B 201 -32.66 -5.82 7.26
C LEU B 201 -32.63 -5.00 5.97
N VAL B 202 -31.96 -3.85 6.06
CA VAL B 202 -31.73 -3.00 4.92
C VAL B 202 -31.07 -3.79 3.79
N GLU B 203 -30.20 -4.73 4.15
CA GLU B 203 -29.58 -5.55 3.11
C GLU B 203 -30.41 -6.75 2.67
N ILE B 204 -31.07 -7.45 3.59
CA ILE B 204 -31.89 -8.60 3.21
C ILE B 204 -33.01 -8.16 2.27
N LEU B 205 -33.48 -6.93 2.45
CA LEU B 205 -34.56 -6.43 1.60
C LEU B 205 -34.01 -5.96 0.27
N LEU B 206 -32.70 -5.72 0.22
CA LEU B 206 -32.01 -5.48 -1.04
C LEU B 206 -31.24 -6.72 -1.49
N ALA B 207 -31.51 -7.85 -0.85
CA ALA B 207 -30.92 -9.12 -1.25
C ALA B 207 -31.77 -9.82 -2.30
N PHE B 208 -33.00 -9.32 -2.48
CA PHE B 208 -33.96 -9.96 -3.36
C PHE B 208 -33.82 -9.57 -4.83
N VAL B 209 -33.49 -10.58 -5.64
CA VAL B 209 -33.43 -10.48 -7.10
C VAL B 209 -32.61 -9.28 -7.64
N PRO B 210 -31.33 -9.19 -7.28
CA PRO B 210 -30.56 -8.24 -8.08
C PRO B 210 -29.20 -8.78 -8.59
N PRO B 211 -29.11 -10.08 -8.95
CA PRO B 211 -27.82 -10.78 -9.04
C PRO B 211 -26.73 -10.12 -9.89
N LYS B 212 -26.83 -10.24 -11.20
CA LYS B 212 -25.82 -9.69 -12.11
C LYS B 212 -25.82 -8.16 -12.10
N VAL B 213 -26.93 -7.58 -11.64
CA VAL B 213 -27.07 -6.13 -11.56
C VAL B 213 -26.00 -5.57 -10.64
N ILE B 214 -25.86 -6.17 -9.46
CA ILE B 214 -24.84 -5.77 -8.51
C ILE B 214 -23.45 -5.95 -9.09
N GLN B 215 -23.24 -7.05 -9.80
CA GLN B 215 -21.97 -7.29 -10.47
C GLN B 215 -21.64 -6.13 -11.41
N LYS B 216 -22.66 -5.57 -12.05
CA LYS B 216 -22.48 -4.42 -12.94
C LYS B 216 -22.24 -3.12 -12.19
N ILE B 217 -22.92 -2.97 -11.05
CA ILE B 217 -22.81 -1.75 -10.25
C ILE B 217 -21.49 -1.70 -9.47
N PHE B 218 -20.99 -2.85 -9.05
CA PHE B 218 -19.70 -2.93 -8.39
C PHE B 218 -18.74 -3.88 -9.12
N PRO B 219 -18.19 -3.43 -10.26
CA PRO B 219 -17.23 -4.21 -11.05
C PRO B 219 -15.88 -4.31 -10.33
N PRO B 220 -14.97 -5.18 -10.80
CA PRO B 220 -13.65 -5.30 -10.17
C PRO B 220 -12.87 -3.98 -10.11
N ILE B 221 -13.17 -3.03 -10.99
CA ILE B 221 -12.51 -1.72 -10.95
C ILE B 221 -13.00 -0.89 -9.77
N VAL B 222 -14.18 -1.21 -9.26
CA VAL B 222 -14.69 -0.56 -8.05
C VAL B 222 -14.38 -1.47 -6.89
N THR B 223 -14.65 -2.74 -7.10
CA THR B 223 -14.47 -3.77 -6.09
C THR B 223 -13.05 -3.86 -5.56
N GLY B 224 -12.10 -4.17 -6.42
CA GLY B 224 -10.72 -4.33 -6.00
C GLY B 224 -10.04 -3.27 -5.13
N PRO B 225 -10.13 -1.97 -5.51
CA PRO B 225 -9.45 -0.93 -4.72
C PRO B 225 -10.02 -0.84 -3.32
N THR B 226 -11.35 -0.85 -3.23
CA THR B 226 -12.01 -0.80 -1.95
C THR B 226 -11.45 -1.86 -1.02
N VAL B 227 -11.47 -3.12 -1.44
CA VAL B 227 -10.96 -4.24 -0.63
C VAL B 227 -9.47 -4.11 -0.28
N MET B 228 -8.68 -3.71 -1.27
CA MET B 228 -7.26 -3.49 -1.06
C MET B 228 -7.04 -2.51 0.08
N LEU B 229 -7.75 -1.40 0.04
CA LEU B 229 -7.57 -0.36 1.04
C LEU B 229 -8.15 -0.79 2.38
N ILE B 230 -9.16 -1.67 2.37
CA ILE B 230 -9.62 -2.27 3.63
C ILE B 230 -8.51 -3.02 4.34
N GLY B 231 -7.91 -3.98 3.63
CA GLY B 231 -6.79 -4.73 4.18
C GLY B 231 -5.64 -3.86 4.60
N ILE B 232 -5.35 -2.84 3.79
CA ILE B 232 -4.27 -1.91 4.08
C ILE B 232 -4.54 -1.18 5.37
N SER B 233 -5.69 -0.51 5.44
CA SER B 233 -6.01 0.29 6.61
C SER B 233 -6.10 -0.55 7.87
N LEU B 234 -6.44 -1.83 7.72
CA LEU B 234 -6.51 -2.71 8.87
C LEU B 234 -5.15 -3.30 9.26
N ILE B 235 -4.21 -3.36 8.32
CA ILE B 235 -2.93 -4.03 8.56
C ILE B 235 -2.13 -3.33 9.67
N GLY B 236 -2.43 -2.05 9.89
CA GLY B 236 -1.78 -1.25 10.90
C GLY B 236 -1.92 -1.77 12.31
N THR B 237 -3.08 -2.34 12.62
CA THR B 237 -3.34 -2.85 13.95
C THR B 237 -2.57 -4.16 14.19
N GLY B 238 -2.43 -4.93 13.12
CA GLY B 238 -1.66 -6.16 13.15
C GLY B 238 -0.20 -5.83 13.41
N PHE B 239 0.33 -4.89 12.63
CA PHE B 239 1.70 -4.45 12.86
C PHE B 239 1.88 -3.84 14.25
N LYS B 240 0.89 -3.09 14.74
CA LYS B 240 0.99 -2.48 16.06
C LYS B 240 1.07 -3.51 17.19
N ASP B 241 0.20 -4.52 17.11
CA ASP B 241 0.20 -5.58 18.11
C ASP B 241 1.52 -6.33 18.01
N TRP B 242 1.94 -6.58 16.78
CA TRP B 242 3.22 -7.22 16.49
C TRP B 242 4.32 -6.48 17.25
N ALA B 243 4.27 -5.16 17.21
CA ALA B 243 5.20 -4.30 17.94
C ALA B 243 5.11 -4.53 19.44
N GLY B 244 3.87 -4.68 19.93
CA GLY B 244 3.60 -4.97 21.33
C GLY B 244 2.49 -4.10 21.86
N GLY B 245 1.84 -3.38 20.93
CA GLY B 245 0.81 -2.41 21.24
C GLY B 245 -0.59 -2.97 21.10
N SER B 246 -1.58 -2.10 20.88
CA SER B 246 -1.36 -0.66 20.79
C SER B 246 -1.15 -0.04 22.18
N ALA B 247 -1.30 -0.86 23.22
CA ALA B 247 -0.94 -0.42 24.56
C ALA B 247 0.03 -1.44 25.15
N CYS B 248 1.26 -0.98 25.38
CA CYS B 248 2.33 -1.83 25.88
C CYS B 248 2.02 -2.35 27.27
N MET B 249 2.56 -3.52 27.60
CA MET B 249 2.19 -4.25 28.83
C MET B 249 2.22 -3.43 30.13
N ASP B 250 1.30 -3.76 31.04
CA ASP B 250 1.16 -3.02 32.29
C ASP B 250 1.99 -3.60 33.44
N ASP B 251 1.73 -3.09 34.64
CA ASP B 251 2.50 -3.38 35.84
C ASP B 251 2.09 -4.70 36.46
N GLY B 252 3.09 -5.47 36.86
CA GLY B 252 2.87 -6.69 37.61
C GLY B 252 2.42 -7.80 36.70
N MET B 253 2.09 -7.44 35.46
CA MET B 253 1.67 -8.40 34.47
C MET B 253 2.94 -9.06 33.98
N LEU B 254 2.86 -10.34 33.64
CA LEU B 254 4.05 -11.13 33.39
C LEU B 254 4.82 -10.67 32.15
N CYS B 255 6.15 -10.66 32.26
CA CYS B 255 7.04 -10.33 31.15
C CYS B 255 6.81 -8.96 30.50
N PRO B 256 6.79 -7.90 31.29
CA PRO B 256 6.76 -6.60 30.61
C PRO B 256 8.11 -6.31 29.98
N SER B 257 8.14 -6.02 28.69
CA SER B 257 9.39 -5.64 28.01
C SER B 257 9.25 -4.21 27.48
N ALA B 258 8.01 -3.74 27.44
CA ALA B 258 7.70 -2.34 27.20
C ALA B 258 6.49 -2.01 28.08
N THR B 259 6.71 -1.20 29.11
CA THR B 259 5.65 -0.74 29.99
C THR B 259 5.52 0.76 29.95
N ALA B 260 4.35 1.24 29.51
CA ALA B 260 4.13 2.67 29.36
C ALA B 260 2.67 2.98 29.04
N PRO B 261 2.21 4.17 29.47
CA PRO B 261 0.96 4.75 28.99
C PRO B 261 1.18 5.46 27.65
N ARG B 262 0.25 5.28 26.72
CA ARG B 262 0.24 5.90 25.37
C ARG B 262 1.42 5.55 24.41
N PRO B 263 1.94 4.31 24.44
CA PRO B 263 2.77 4.01 23.28
C PRO B 263 2.10 3.06 22.28
N LEU B 264 1.51 3.62 21.23
CA LEU B 264 0.79 2.80 20.26
C LEU B 264 1.69 1.93 19.35
N PRO B 265 2.83 2.47 18.87
CA PRO B 265 3.65 1.57 18.06
C PRO B 265 4.98 1.15 18.68
N TRP B 266 5.09 1.13 20.00
CA TRP B 266 6.37 0.77 20.62
C TRP B 266 6.46 -0.71 20.99
N GLY B 267 7.68 -1.17 21.20
CA GLY B 267 7.97 -2.54 21.60
C GLY B 267 9.44 -2.89 21.46
N SER B 268 9.93 -3.78 22.33
CA SER B 268 11.33 -4.19 22.31
C SER B 268 11.58 -5.25 21.22
N PRO B 269 12.86 -5.59 20.95
CA PRO B 269 13.20 -6.61 19.95
C PRO B 269 12.50 -7.96 20.13
N GLU B 270 12.24 -8.34 21.38
CA GLU B 270 11.63 -9.63 21.68
C GLU B 270 10.25 -9.78 20.99
N PHE B 271 9.47 -8.70 21.00
CA PHE B 271 8.14 -8.67 20.36
C PHE B 271 8.20 -8.86 18.82
N ILE B 272 9.17 -8.16 18.22
CA ILE B 272 9.43 -8.27 16.79
C ILE B 272 9.75 -9.71 16.47
N GLY B 273 10.67 -10.29 17.25
CA GLY B 273 11.05 -11.68 17.10
C GLY B 273 9.88 -12.63 17.20
N LEU B 274 8.94 -12.31 18.09
CA LEU B 274 7.73 -13.13 18.24
C LEU B 274 6.85 -13.13 16.99
N GLY B 275 6.39 -11.95 16.59
CA GLY B 275 5.49 -11.86 15.45
C GLY B 275 6.15 -12.41 14.20
N PHE B 276 7.45 -12.13 14.06
CA PHE B 276 8.25 -12.61 12.95
C PHE B 276 8.35 -14.13 12.97
N LEU B 277 8.48 -14.72 14.16
CA LEU B 277 8.48 -16.17 14.25
C LEU B 277 7.12 -16.74 13.86
N VAL B 278 6.05 -16.01 14.13
CA VAL B 278 4.73 -16.44 13.66
C VAL B 278 4.64 -16.43 12.15
N PHE B 279 5.11 -15.33 11.57
CA PHE B 279 5.04 -15.12 10.13
C PHE B 279 5.86 -16.20 9.41
N VAL B 280 7.10 -16.34 9.86
CA VAL B 280 8.00 -17.38 9.38
C VAL B 280 7.40 -18.76 9.60
N SER B 281 6.73 -18.95 10.73
CA SER B 281 6.07 -20.23 11.01
C SER B 281 4.98 -20.53 9.98
N ILE B 282 4.25 -19.50 9.57
CA ILE B 282 3.24 -19.65 8.53
C ILE B 282 3.91 -20.01 7.21
N ILE B 283 4.98 -19.29 6.89
CA ILE B 283 5.73 -19.55 5.65
C ILE B 283 6.25 -20.97 5.58
N LEU B 284 6.88 -21.43 6.65
CA LEU B 284 7.39 -22.79 6.69
C LEU B 284 6.25 -23.78 6.66
N CYS B 285 5.12 -23.35 7.21
CA CYS B 285 3.92 -24.18 7.22
C CYS B 285 3.45 -24.39 5.79
N GLU B 286 3.65 -23.38 4.95
CA GLU B 286 3.33 -23.51 3.53
C GLU B 286 4.38 -24.36 2.79
N ARG B 287 5.66 -24.12 3.08
CA ARG B 287 6.79 -24.79 2.42
C ARG B 287 6.76 -26.30 2.58
N PHE B 288 6.40 -26.75 3.77
CA PHE B 288 6.30 -28.16 4.06
C PHE B 288 4.83 -28.54 4.29
N GLY B 289 3.96 -27.93 3.50
CA GLY B 289 2.53 -28.05 3.71
C GLY B 289 1.86 -29.24 3.05
N ALA B 290 1.30 -30.11 3.89
CA ALA B 290 0.51 -31.26 3.45
C ALA B 290 -0.95 -30.81 3.29
N PRO B 291 -1.76 -31.57 2.52
CA PRO B 291 -3.16 -31.20 2.27
C PRO B 291 -4.01 -30.80 3.50
N ILE B 292 -3.65 -31.26 4.69
CA ILE B 292 -4.37 -30.87 5.91
C ILE B 292 -3.97 -29.47 6.39
N MET B 293 -2.68 -29.19 6.39
CA MET B 293 -2.11 -27.91 6.84
C MET B 293 -2.58 -26.70 6.02
N LYS B 294 -3.30 -26.98 4.93
CA LYS B 294 -3.80 -25.92 4.05
C LYS B 294 -4.81 -25.03 4.77
N SER B 295 -4.69 -23.71 4.58
CA SER B 295 -5.52 -22.70 5.23
C SER B 295 -5.39 -22.69 6.76
N CYS B 296 -4.57 -23.59 7.28
CA CYS B 296 -4.30 -23.64 8.71
C CYS B 296 -2.96 -22.99 8.97
N SER B 297 -2.24 -22.72 7.89
CA SER B 297 -0.89 -22.17 7.94
C SER B 297 -0.82 -20.91 8.81
N VAL B 298 -1.87 -20.10 8.75
CA VAL B 298 -1.95 -18.90 9.58
C VAL B 298 -2.16 -19.30 11.01
N VAL B 299 -3.07 -20.24 11.21
CA VAL B 299 -3.40 -20.73 12.54
C VAL B 299 -2.30 -21.62 13.09
N ILE B 300 -1.62 -22.36 12.23
CA ILE B 300 -0.51 -23.19 12.65
C ILE B 300 0.71 -22.33 13.00
N GLY B 301 0.94 -21.30 12.22
CA GLY B 301 1.99 -20.36 12.55
C GLY B 301 1.70 -19.69 13.88
N LEU B 302 0.46 -19.25 14.02
CA LEU B 302 -0.03 -18.65 15.25
C LEU B 302 0.27 -19.56 16.43
N LEU B 303 -0.08 -20.84 16.26
CA LEU B 303 0.16 -21.85 17.26
C LEU B 303 1.64 -22.02 17.60
N VAL B 304 2.48 -22.16 16.58
CA VAL B 304 3.92 -22.34 16.77
C VAL B 304 4.52 -21.18 17.56
N GLY B 305 4.26 -19.97 17.09
CA GLY B 305 4.76 -18.78 17.75
C GLY B 305 4.21 -18.69 19.16
N CYS B 306 3.01 -19.25 19.36
CA CYS B 306 2.38 -19.26 20.67
C CYS B 306 3.06 -20.26 21.63
N ILE B 307 3.50 -21.40 21.10
CA ILE B 307 4.24 -22.40 21.87
C ILE B 307 5.61 -21.89 22.27
N VAL B 308 6.33 -21.31 21.31
CA VAL B 308 7.61 -20.67 21.61
C VAL B 308 7.38 -19.57 22.65
N ALA B 309 6.27 -18.85 22.51
CA ALA B 309 5.94 -17.78 23.45
C ALA B 309 5.78 -18.32 24.87
N ALA B 310 5.08 -19.44 25.01
CA ALA B 310 4.92 -20.09 26.31
C ALA B 310 6.27 -20.60 26.82
N ALA B 311 7.13 -21.03 25.91
CA ALA B 311 8.46 -21.50 26.28
C ALA B 311 9.30 -20.39 26.90
N CYS B 312 9.27 -19.21 26.29
CA CYS B 312 10.00 -18.05 26.82
C CYS B 312 9.41 -17.53 28.13
N GLY B 313 8.09 -17.67 28.27
CA GLY B 313 7.41 -17.33 29.52
C GLY B 313 6.38 -16.22 29.37
N TYR B 314 5.94 -15.98 28.14
CA TYR B 314 4.95 -14.95 27.87
C TYR B 314 3.55 -15.55 27.97
N PHE B 315 3.02 -15.62 29.18
CA PHE B 315 1.69 -16.19 29.37
C PHE B 315 1.05 -15.62 30.63
N SER B 316 -0.28 -15.67 30.71
CA SER B 316 -0.97 -15.29 31.94
C SER B 316 -1.87 -16.40 32.41
N HIS B 317 -1.25 -17.43 32.99
CA HIS B 317 -1.99 -18.61 33.41
C HIS B 317 -2.98 -18.25 34.51
N ALA B 318 -2.77 -17.08 35.11
CA ALA B 318 -3.64 -16.57 36.18
C ALA B 318 -5.05 -16.28 35.67
N ASP B 319 -5.14 -15.52 34.59
CA ASP B 319 -6.41 -15.18 33.97
C ASP B 319 -7.00 -16.40 33.27
N ILE B 320 -6.13 -17.31 32.85
CA ILE B 320 -6.58 -18.58 32.29
C ILE B 320 -7.33 -19.40 33.34
N ASP B 321 -6.74 -19.49 34.54
CA ASP B 321 -7.38 -20.17 35.66
C ASP B 321 -8.64 -19.43 36.10
N ALA B 322 -8.59 -18.10 36.03
CA ALA B 322 -9.68 -17.27 36.52
C ALA B 322 -10.90 -17.25 35.61
N ALA B 323 -10.77 -17.85 34.43
CA ALA B 323 -11.88 -17.87 33.47
C ALA B 323 -12.85 -19.03 33.74
N PRO B 324 -14.13 -18.82 33.42
CA PRO B 324 -15.14 -19.89 33.55
C PRO B 324 -15.04 -20.92 32.44
N ALA B 325 -15.38 -22.17 32.73
CA ALA B 325 -15.31 -23.23 31.73
C ALA B 325 -16.68 -23.53 31.15
N ALA B 326 -17.43 -22.46 30.85
CA ALA B 326 -18.75 -22.59 30.25
C ALA B 326 -19.12 -21.31 29.54
N SER B 327 -19.97 -21.43 28.53
CA SER B 327 -20.45 -20.26 27.81
C SER B 327 -21.76 -20.51 27.07
N PHE B 328 -22.78 -19.80 27.52
CA PHE B 328 -24.07 -19.79 26.85
C PHE B 328 -24.08 -18.52 26.02
N ILE B 329 -25.00 -18.45 25.07
CA ILE B 329 -24.99 -17.36 24.11
C ILE B 329 -25.11 -16.00 24.79
N TRP B 330 -25.86 -15.92 25.88
CA TRP B 330 -26.08 -14.64 26.54
C TRP B 330 -25.56 -14.59 27.99
N VAL B 331 -24.38 -15.12 28.24
CA VAL B 331 -23.77 -15.00 29.56
C VAL B 331 -23.65 -13.53 29.97
N LYS B 332 -23.23 -12.70 29.03
CA LYS B 332 -23.15 -11.25 29.21
C LYS B 332 -24.03 -10.61 28.12
N THR B 333 -24.61 -9.44 28.38
CA THR B 333 -25.46 -8.81 27.37
C THR B 333 -25.13 -7.33 27.21
N PHE B 334 -25.66 -6.72 26.16
CA PHE B 334 -25.32 -5.35 25.79
C PHE B 334 -26.55 -4.52 25.45
N PRO B 335 -26.46 -3.18 25.56
CA PRO B 335 -27.57 -2.25 25.37
C PRO B 335 -28.41 -2.42 24.09
N LEU B 336 -29.73 -2.31 24.26
CA LEU B 336 -30.71 -2.37 23.19
C LEU B 336 -31.54 -1.07 23.18
N SER B 337 -32.25 -0.85 22.07
CA SER B 337 -32.91 0.42 21.76
C SER B 337 -31.83 1.48 21.56
N VAL B 338 -30.64 0.99 21.20
CA VAL B 338 -29.46 1.83 21.09
C VAL B 338 -28.86 1.73 19.71
N TYR B 339 -28.73 2.88 19.06
CA TYR B 339 -28.22 2.97 17.71
C TYR B 339 -27.31 4.17 17.62
N GLY B 340 -26.40 4.15 16.64
CA GLY B 340 -25.54 5.29 16.40
C GLY B 340 -25.89 6.02 15.13
N PRO B 341 -25.05 6.98 14.73
CA PRO B 341 -25.17 7.67 13.45
C PRO B 341 -24.32 7.01 12.38
N MET B 342 -23.75 5.86 12.69
CA MET B 342 -22.93 5.10 11.75
C MET B 342 -23.82 4.17 10.92
N VAL B 343 -25.11 4.49 10.89
CA VAL B 343 -26.10 3.72 10.14
C VAL B 343 -25.69 3.45 8.69
N LEU B 344 -25.35 4.51 7.97
CA LEU B 344 -24.95 4.39 6.58
C LEU B 344 -23.68 3.57 6.36
N PRO B 345 -22.59 3.83 7.12
CA PRO B 345 -21.44 2.93 7.01
C PRO B 345 -21.79 1.46 7.26
N ILE B 346 -22.75 1.22 8.15
CA ILE B 346 -23.23 -0.13 8.39
C ILE B 346 -23.88 -0.70 7.15
N ILE B 347 -24.71 0.13 6.50
CA ILE B 347 -25.35 -0.26 5.25
C ILE B 347 -24.31 -0.59 4.19
N ALA B 348 -23.27 0.22 4.13
CA ALA B 348 -22.14 0.00 3.21
C ALA B 348 -21.47 -1.34 3.49
N VAL B 349 -21.23 -1.62 4.76
CA VAL B 349 -20.72 -2.91 5.20
C VAL B 349 -21.60 -4.06 4.72
N PHE B 350 -22.91 -3.91 4.82
CA PHE B 350 -23.80 -4.99 4.41
C PHE B 350 -23.84 -5.16 2.90
N ILE B 351 -23.67 -4.07 2.15
CA ILE B 351 -23.51 -4.17 0.71
C ILE B 351 -22.24 -4.95 0.35
N ILE B 352 -21.14 -4.56 0.98
CA ILE B 352 -19.87 -5.26 0.84
C ILE B 352 -20.07 -6.75 1.07
N CYS B 353 -20.74 -7.08 2.16
CA CYS B 353 -20.99 -8.47 2.51
C CYS B 353 -21.86 -9.14 1.44
N ALA B 354 -22.76 -8.39 0.81
CA ALA B 354 -23.58 -8.97 -0.24
C ALA B 354 -22.72 -9.38 -1.44
N CYS B 355 -21.95 -8.43 -1.95
CA CYS B 355 -21.08 -8.70 -3.10
C CYS B 355 -20.12 -9.85 -2.81
N GLU B 356 -19.52 -9.79 -1.63
CA GLU B 356 -18.62 -10.82 -1.17
C GLU B 356 -19.29 -12.19 -1.13
N CYS B 357 -20.50 -12.24 -0.60
CA CYS B 357 -21.28 -13.46 -0.59
C CYS B 357 -21.44 -14.03 -2.00
N ILE B 358 -21.84 -13.17 -2.92
CA ILE B 358 -22.00 -13.58 -4.31
C ILE B 358 -20.73 -14.24 -4.85
N GLY B 359 -19.60 -13.54 -4.72
CA GLY B 359 -18.33 -14.05 -5.22
C GLY B 359 -17.88 -15.35 -4.55
N ASP B 360 -18.01 -15.39 -3.23
CA ASP B 360 -17.62 -16.55 -2.43
C ASP B 360 -18.41 -17.80 -2.77
N VAL B 361 -19.74 -17.64 -2.88
CA VAL B 361 -20.64 -18.72 -3.25
C VAL B 361 -20.34 -19.23 -4.66
N THR B 362 -20.20 -18.32 -5.63
CA THR B 362 -19.87 -18.72 -6.99
C THR B 362 -18.57 -19.51 -7.04
N ALA B 363 -17.57 -19.00 -6.34
CA ALA B 363 -16.28 -19.67 -6.23
C ALA B 363 -16.47 -21.10 -5.70
N THR B 364 -17.25 -21.23 -4.64
CA THR B 364 -17.53 -22.54 -4.07
C THR B 364 -18.15 -23.47 -5.11
N CYS B 365 -19.08 -22.93 -5.89
CA CYS B 365 -19.75 -23.67 -6.94
C CYS B 365 -18.77 -24.21 -7.97
N ASP B 366 -17.76 -23.41 -8.33
CA ASP B 366 -16.70 -23.91 -9.21
C ASP B 366 -15.82 -24.95 -8.52
N VAL B 367 -15.58 -24.74 -7.23
CA VAL B 367 -14.78 -25.65 -6.42
C VAL B 367 -15.50 -26.98 -6.21
N SER B 368 -16.81 -26.89 -6.05
CA SER B 368 -17.68 -28.04 -5.82
C SER B 368 -18.22 -28.69 -7.10
N ARG B 369 -17.69 -28.28 -8.25
CA ARG B 369 -18.02 -28.86 -9.55
C ARG B 369 -19.49 -28.69 -9.91
N LEU B 370 -20.05 -27.52 -9.61
CA LEU B 370 -21.48 -27.30 -9.82
C LEU B 370 -21.77 -26.25 -10.87
N GLU B 371 -23.08 -25.96 -11.04
CA GLU B 371 -23.54 -24.96 -11.98
C GLU B 371 -22.93 -23.61 -11.64
N VAL B 372 -22.70 -22.79 -12.65
CA VAL B 372 -22.07 -21.49 -12.44
C VAL B 372 -22.95 -20.35 -12.99
N ARG B 373 -23.93 -20.70 -13.81
CA ARG B 373 -24.85 -19.70 -14.35
C ARG B 373 -26.33 -20.09 -14.30
N GLY B 374 -26.62 -21.33 -13.93
CA GLY B 374 -27.98 -21.85 -13.96
C GLY B 374 -28.97 -21.12 -13.06
N GLY B 375 -30.26 -21.41 -13.23
CA GLY B 375 -31.28 -20.81 -12.39
C GLY B 375 -31.16 -21.30 -10.96
N THR B 376 -30.77 -22.57 -10.83
CA THR B 376 -30.52 -23.18 -9.53
C THR B 376 -29.36 -22.46 -8.82
N PHE B 377 -28.35 -22.11 -9.61
CA PHE B 377 -27.20 -21.35 -9.15
C PHE B 377 -27.65 -20.02 -8.51
N GLU B 378 -28.39 -19.22 -9.27
CA GLU B 378 -28.84 -17.92 -8.80
C GLU B 378 -29.79 -18.04 -7.62
N SER B 379 -30.50 -19.17 -7.56
CA SER B 379 -31.30 -19.47 -6.37
C SER B 379 -30.40 -19.66 -5.16
N ARG B 380 -29.30 -20.38 -5.35
CA ARG B 380 -28.30 -20.61 -4.31
C ARG B 380 -27.73 -19.29 -3.82
N ILE B 381 -27.47 -18.37 -4.75
CA ILE B 381 -26.96 -17.05 -4.40
C ILE B 381 -27.98 -16.26 -3.58
N GLN B 382 -29.22 -16.21 -4.04
CA GLN B 382 -30.27 -15.53 -3.29
C GLN B 382 -30.43 -16.06 -1.87
N GLY B 383 -30.51 -17.38 -1.74
CA GLY B 383 -30.59 -18.01 -0.43
C GLY B 383 -29.37 -17.66 0.41
N ALA B 384 -28.21 -17.63 -0.22
CA ALA B 384 -26.96 -17.32 0.47
C ALA B 384 -27.02 -15.92 1.06
N VAL B 385 -27.41 -14.94 0.26
CA VAL B 385 -27.44 -13.55 0.72
C VAL B 385 -28.53 -13.32 1.76
N LEU B 386 -29.68 -13.96 1.54
CA LEU B 386 -30.78 -13.87 2.49
C LEU B 386 -30.36 -14.40 3.85
N ALA B 387 -29.84 -15.62 3.87
CA ALA B 387 -29.32 -16.24 5.09
C ALA B 387 -28.17 -15.42 5.68
N ASP B 388 -27.42 -14.76 4.82
CA ASP B 388 -26.36 -13.86 5.24
C ASP B 388 -26.92 -12.78 6.15
N GLY B 389 -27.85 -11.99 5.63
CA GLY B 389 -28.41 -10.90 6.41
C GLY B 389 -29.27 -11.35 7.60
N ILE B 390 -30.02 -12.43 7.39
CA ILE B 390 -30.80 -13.05 8.47
C ILE B 390 -29.89 -13.39 9.64
N ASN B 391 -28.79 -14.09 9.34
CA ASN B 391 -27.82 -14.44 10.39
C ASN B 391 -27.07 -13.23 10.90
N SER B 392 -27.04 -12.14 10.14
CA SER B 392 -26.49 -10.90 10.67
C SER B 392 -27.40 -10.39 11.79
N VAL B 393 -28.72 -10.42 11.55
CA VAL B 393 -29.68 -10.06 12.58
C VAL B 393 -29.59 -11.00 13.77
N VAL B 394 -29.60 -12.30 13.49
CA VAL B 394 -29.52 -13.34 14.51
C VAL B 394 -28.28 -13.19 15.37
N ALA B 395 -27.13 -12.97 14.74
CA ALA B 395 -25.88 -12.77 15.43
C ALA B 395 -25.96 -11.50 16.27
N ALA B 396 -26.58 -10.46 15.71
CA ALA B 396 -26.77 -9.23 16.48
C ALA B 396 -27.58 -9.49 17.76
N LEU B 397 -28.63 -10.29 17.64
CA LEU B 397 -29.41 -10.69 18.81
C LEU B 397 -28.56 -11.53 19.75
N ALA B 398 -27.68 -12.35 19.18
CA ALA B 398 -26.76 -13.17 19.95
C ALA B 398 -25.50 -12.40 20.34
N THR B 399 -25.62 -11.06 20.31
CA THR B 399 -24.55 -10.14 20.71
C THR B 399 -23.35 -10.11 19.76
N MET B 400 -23.54 -10.52 18.51
CA MET B 400 -22.45 -10.51 17.52
C MET B 400 -22.65 -9.47 16.44
N THR B 401 -21.53 -8.96 15.96
CA THR B 401 -21.49 -7.95 14.91
C THR B 401 -21.75 -8.64 13.56
N PRO B 402 -22.04 -7.87 12.50
CA PRO B 402 -22.29 -8.45 11.17
C PRO B 402 -21.26 -9.48 10.71
N MET B 403 -21.75 -10.52 10.06
CA MET B 403 -20.92 -11.63 9.62
C MET B 403 -21.24 -11.99 8.17
N THR B 404 -20.24 -12.52 7.48
CA THR B 404 -20.36 -12.87 6.07
C THR B 404 -19.53 -14.12 5.72
N THR B 405 -19.50 -14.43 4.43
CA THR B 405 -18.95 -15.69 3.92
C THR B 405 -17.43 -15.78 3.97
N PHE B 406 -16.91 -16.86 4.54
CA PHE B 406 -15.48 -17.09 4.61
C PHE B 406 -14.99 -17.82 3.36
N ALA B 407 -13.87 -17.36 2.81
CA ALA B 407 -13.39 -17.85 1.53
C ALA B 407 -12.21 -18.81 1.66
N GLN B 408 -11.71 -19.01 2.88
CA GLN B 408 -10.65 -19.98 3.10
C GLN B 408 -11.09 -21.37 2.70
N ASN B 409 -12.32 -21.73 3.07
CA ASN B 409 -12.82 -23.10 2.88
C ASN B 409 -12.74 -23.60 1.44
N ASN B 410 -12.99 -22.74 0.47
CA ASN B 410 -13.01 -23.16 -0.93
C ASN B 410 -11.67 -23.75 -1.33
N VAL B 411 -10.60 -23.24 -0.72
CA VAL B 411 -9.26 -23.79 -0.92
C VAL B 411 -9.24 -25.20 -0.39
N VAL B 412 -9.62 -25.35 0.87
CA VAL B 412 -9.64 -26.63 1.56
C VAL B 412 -10.40 -27.67 0.72
N ILE B 413 -11.64 -27.34 0.36
CA ILE B 413 -12.47 -28.19 -0.49
C ILE B 413 -11.73 -28.59 -1.77
N ALA B 414 -11.21 -27.59 -2.47
CA ALA B 414 -10.57 -27.79 -3.76
C ALA B 414 -9.37 -28.73 -3.69
N LEU B 415 -8.63 -28.65 -2.59
CA LEU B 415 -7.43 -29.45 -2.40
C LEU B 415 -7.70 -30.79 -1.72
N THR B 416 -8.89 -30.92 -1.16
CA THR B 416 -9.32 -32.14 -0.48
C THR B 416 -10.37 -32.91 -1.27
N ARG B 417 -10.84 -32.30 -2.35
CA ARG B 417 -11.85 -32.89 -3.22
C ARG B 417 -13.11 -33.32 -2.46
N CYS B 418 -13.64 -32.43 -1.63
CA CYS B 418 -14.87 -32.72 -0.87
C CYS B 418 -15.63 -31.45 -0.48
N ALA B 419 -16.82 -31.27 -1.05
CA ALA B 419 -17.66 -30.14 -0.71
C ALA B 419 -18.91 -30.59 0.04
N ASN B 420 -18.80 -31.72 0.75
CA ASN B 420 -19.91 -32.28 1.52
C ASN B 420 -20.39 -31.38 2.64
N ARG B 421 -21.71 -31.28 2.78
CA ARG B 421 -22.30 -30.47 3.82
C ARG B 421 -21.92 -30.99 5.21
N TRP B 422 -21.46 -32.23 5.26
CA TRP B 422 -21.11 -32.88 6.52
C TRP B 422 -19.79 -32.40 7.09
N ALA B 423 -18.85 -32.05 6.23
CA ALA B 423 -17.61 -31.41 6.67
C ALA B 423 -17.95 -30.08 7.34
N GLY B 424 -18.83 -29.33 6.69
CA GLY B 424 -19.27 -28.06 7.21
C GLY B 424 -20.00 -28.18 8.52
N TYR B 425 -20.85 -29.19 8.64
CA TYR B 425 -21.62 -29.38 9.87
C TYR B 425 -20.70 -29.82 11.01
N CYS B 426 -19.75 -30.69 10.69
CA CYS B 426 -18.74 -31.14 11.64
C CYS B 426 -17.96 -29.95 12.16
N CYS B 427 -17.59 -29.10 11.22
CA CYS B 427 -16.94 -27.83 11.52
C CYS B 427 -17.75 -27.06 12.52
N CYS B 428 -19.01 -26.83 12.16
CA CYS B 428 -19.96 -26.08 12.95
C CYS B 428 -20.05 -26.57 14.39
N LEU B 429 -20.30 -27.86 14.55
CA LEU B 429 -20.39 -28.49 15.87
C LEU B 429 -19.09 -28.36 16.64
N ILE B 430 -17.97 -28.56 15.95
CA ILE B 430 -16.65 -28.43 16.56
C ILE B 430 -16.49 -27.02 17.12
N LEU B 431 -16.96 -26.03 16.37
CA LEU B 431 -16.88 -24.63 16.78
C LEU B 431 -17.74 -24.32 17.98
N ILE B 432 -19.00 -24.72 17.92
CA ILE B 432 -19.94 -24.45 18.99
C ILE B 432 -19.41 -25.07 20.26
N VAL B 433 -18.95 -26.31 20.15
CA VAL B 433 -18.35 -27.02 21.27
C VAL B 433 -17.11 -26.31 21.81
N ALA B 434 -16.23 -25.88 20.92
CA ALA B 434 -15.04 -25.15 21.33
C ALA B 434 -15.42 -23.88 22.09
N GLY B 435 -16.53 -23.27 21.68
CA GLY B 435 -17.04 -22.07 22.31
C GLY B 435 -17.61 -22.37 23.67
N ILE B 436 -18.26 -23.52 23.81
CA ILE B 436 -18.78 -23.96 25.10
C ILE B 436 -17.65 -24.11 26.13
N PHE B 437 -16.64 -24.89 25.78
CA PHE B 437 -15.46 -25.03 26.62
C PHE B 437 -14.73 -23.69 26.63
N ALA B 438 -15.23 -22.73 27.40
CA ALA B 438 -14.71 -21.37 27.35
C ALA B 438 -13.35 -21.21 28.03
N LYS B 439 -12.51 -22.23 27.90
CA LYS B 439 -11.12 -22.15 28.36
C LYS B 439 -10.27 -21.95 27.11
N PHE B 440 -10.78 -22.45 25.99
CA PHE B 440 -10.14 -22.25 24.70
C PHE B 440 -10.19 -20.76 24.38
N ALA B 441 -11.37 -20.16 24.57
CA ALA B 441 -11.56 -18.72 24.38
C ALA B 441 -10.57 -17.92 25.23
N ALA B 442 -10.43 -18.32 26.49
CA ALA B 442 -9.53 -17.62 27.40
C ALA B 442 -8.07 -17.80 27.00
N ALA B 443 -7.73 -18.98 26.51
CA ALA B 443 -6.38 -19.25 26.03
C ALA B 443 -6.06 -18.38 24.82
N ILE B 444 -7.09 -18.12 24.02
CA ILE B 444 -6.99 -17.25 22.86
C ILE B 444 -6.77 -15.79 23.27
N VAL B 445 -7.58 -15.32 24.21
CA VAL B 445 -7.42 -13.98 24.77
C VAL B 445 -6.05 -13.84 25.46
N ALA B 446 -5.55 -14.94 26.02
CA ALA B 446 -4.28 -14.93 26.72
C ALA B 446 -3.10 -15.21 25.79
N ILE B 447 -3.30 -14.98 24.49
CA ILE B 447 -2.22 -15.04 23.51
C ILE B 447 -1.58 -13.65 23.46
N PRO B 448 -0.24 -13.60 23.55
CA PRO B 448 0.50 -12.33 23.53
C PRO B 448 0.13 -11.43 22.35
N ASN B 449 0.24 -10.12 22.53
CA ASN B 449 -0.12 -9.18 21.47
C ASN B 449 0.78 -9.32 20.25
N SER B 450 1.95 -9.90 20.43
CA SER B 450 2.91 -10.05 19.34
C SER B 450 2.63 -11.23 18.43
N VAL B 451 2.36 -12.39 19.01
CA VAL B 451 1.98 -13.55 18.20
C VAL B 451 0.72 -13.22 17.41
N MET B 452 -0.28 -12.73 18.12
CA MET B 452 -1.45 -12.15 17.47
C MET B 452 -1.04 -11.12 16.42
N GLY B 453 -0.01 -10.35 16.71
CA GLY B 453 0.46 -9.34 15.78
C GLY B 453 0.93 -9.94 14.45
N GLY B 454 1.88 -10.85 14.50
CA GLY B 454 2.38 -11.51 13.30
C GLY B 454 1.26 -12.20 12.54
N MET B 455 0.45 -12.98 13.26
CA MET B 455 -0.61 -13.73 12.62
C MET B 455 -1.54 -12.76 11.88
N LYS B 456 -1.96 -11.70 12.57
CA LYS B 456 -2.86 -10.72 11.98
C LYS B 456 -2.26 -9.95 10.82
N THR B 457 -1.00 -9.56 10.94
CA THR B 457 -0.32 -8.88 9.85
C THR B 457 -0.33 -9.76 8.60
N PHE B 458 -0.01 -11.05 8.76
CA PHE B 458 -0.13 -11.98 7.62
C PHE B 458 -1.54 -11.98 7.08
N LEU B 459 -2.49 -12.00 8.00
CA LEU B 459 -3.91 -12.07 7.66
C LEU B 459 -4.35 -10.89 6.78
N PHE B 460 -4.12 -9.67 7.28
CA PHE B 460 -4.52 -8.45 6.57
C PHE B 460 -3.73 -8.27 5.30
N ALA B 461 -2.46 -8.66 5.36
CA ALA B 461 -1.64 -8.63 4.16
C ALA B 461 -2.32 -9.45 3.09
N SER B 462 -2.74 -10.66 3.47
CA SER B 462 -3.45 -11.54 2.56
C SER B 462 -4.74 -10.88 2.05
N VAL B 463 -5.43 -10.14 2.91
CA VAL B 463 -6.59 -9.36 2.47
C VAL B 463 -6.22 -8.36 1.37
N VAL B 464 -5.15 -7.60 1.56
CA VAL B 464 -4.69 -6.63 0.55
C VAL B 464 -4.41 -7.34 -0.78
N ILE B 465 -3.64 -8.41 -0.69
CA ILE B 465 -3.28 -9.20 -1.86
C ILE B 465 -4.52 -9.72 -2.60
N SER B 466 -5.50 -10.22 -1.85
CA SER B 466 -6.73 -10.69 -2.49
C SER B 466 -7.55 -9.54 -3.11
N GLY B 467 -7.61 -8.39 -2.46
CA GLY B 467 -8.25 -7.23 -3.07
C GLY B 467 -7.60 -6.90 -4.41
N GLN B 468 -6.29 -7.03 -4.46
CA GLN B 468 -5.52 -6.79 -5.68
C GLN B 468 -5.84 -7.81 -6.77
N ALA B 469 -5.94 -9.07 -6.37
CA ALA B 469 -6.34 -10.12 -7.31
C ALA B 469 -7.70 -9.78 -7.89
N ILE B 470 -8.59 -9.25 -7.07
CA ILE B 470 -9.87 -8.76 -7.58
C ILE B 470 -9.66 -7.65 -8.61
N VAL B 471 -8.75 -6.73 -8.31
CA VAL B 471 -8.45 -5.63 -9.24
C VAL B 471 -8.10 -6.15 -10.64
N ALA B 472 -7.18 -7.12 -10.68
CA ALA B 472 -6.64 -7.61 -11.96
C ALA B 472 -7.66 -8.25 -12.91
N LYS B 473 -8.89 -8.47 -12.44
CA LYS B 473 -9.95 -9.02 -13.27
C LYS B 473 -10.44 -8.02 -14.32
N ALA B 474 -10.18 -6.74 -14.07
CA ALA B 474 -10.59 -5.69 -15.00
C ALA B 474 -9.37 -5.25 -15.83
N PRO B 475 -9.52 -5.25 -17.17
CA PRO B 475 -8.44 -4.90 -18.11
C PRO B 475 -7.67 -3.63 -17.72
N PHE B 476 -6.37 -3.77 -17.48
CA PHE B 476 -5.51 -2.65 -17.09
C PHE B 476 -5.22 -1.68 -18.25
N THR B 477 -6.15 -0.76 -18.53
CA THR B 477 -5.94 0.27 -19.54
C THR B 477 -5.47 1.53 -18.83
N ARG B 478 -5.06 2.54 -19.58
CA ARG B 478 -4.71 3.82 -18.97
C ARG B 478 -5.86 4.37 -18.10
N ARG B 479 -7.10 4.12 -18.55
CA ARG B 479 -8.30 4.50 -17.79
C ARG B 479 -8.39 3.82 -16.41
N ASN B 480 -8.33 2.49 -16.39
CA ASN B 480 -8.41 1.75 -15.13
C ASN B 480 -7.25 2.10 -14.23
N ARG B 481 -6.04 2.21 -14.77
CA ARG B 481 -4.90 2.61 -13.96
C ARG B 481 -5.10 3.99 -13.34
N PHE B 482 -5.66 4.94 -14.09
CA PHE B 482 -5.95 6.25 -13.53
C PHE B 482 -6.99 6.19 -12.41
N ILE B 483 -8.11 5.53 -12.68
CA ILE B 483 -9.17 5.37 -11.67
C ILE B 483 -8.65 4.72 -10.40
N LEU B 484 -7.87 3.66 -10.54
CA LEU B 484 -7.23 3.03 -9.38
C LEU B 484 -6.34 4.01 -8.65
N THR B 485 -5.50 4.73 -9.37
CA THR B 485 -4.62 5.73 -8.74
C THR B 485 -5.40 6.75 -7.90
N ALA B 486 -6.36 7.43 -8.51
CA ALA B 486 -7.14 8.44 -7.78
C ALA B 486 -7.89 7.84 -6.60
N SER B 487 -8.53 6.68 -6.80
CA SER B 487 -9.27 6.05 -5.71
C SER B 487 -8.37 5.63 -4.54
N MET B 488 -7.26 4.97 -4.86
CA MET B 488 -6.32 4.53 -3.82
C MET B 488 -5.81 5.74 -3.04
N ALA B 489 -5.26 6.71 -3.76
CA ALA B 489 -4.65 7.89 -3.14
C ALA B 489 -5.63 8.71 -2.31
N LEU B 490 -6.82 8.94 -2.85
CA LEU B 490 -7.78 9.78 -2.12
C LEU B 490 -8.39 9.03 -0.96
N GLY B 491 -8.58 7.72 -1.11
CA GLY B 491 -9.09 6.91 -0.03
C GLY B 491 -8.13 6.87 1.15
N TYR B 492 -6.89 6.49 0.89
CA TYR B 492 -5.89 6.40 1.95
C TYR B 492 -5.60 7.78 2.51
N GLY B 493 -5.70 8.78 1.64
CA GLY B 493 -5.58 10.17 2.04
C GLY B 493 -6.65 10.58 3.02
N ALA B 494 -7.87 10.10 2.78
CA ALA B 494 -9.00 10.28 3.71
C ALA B 494 -8.76 9.55 5.02
N THR B 495 -8.08 8.41 4.95
CA THR B 495 -7.68 7.69 6.16
C THR B 495 -6.73 8.51 7.02
N LEU B 496 -5.72 9.12 6.41
CA LEU B 496 -4.71 9.88 7.16
C LEU B 496 -5.28 11.02 8.04
N VAL B 497 -6.25 11.78 7.52
CA VAL B 497 -6.80 12.92 8.25
C VAL B 497 -7.65 12.49 9.43
N PRO B 498 -7.43 13.12 10.60
CA PRO B 498 -8.17 12.91 11.86
C PRO B 498 -9.64 13.28 11.79
N THR B 499 -9.96 14.54 11.45
CA THR B 499 -11.35 14.98 11.38
C THR B 499 -11.52 16.32 10.68
N TRP B 500 -12.74 16.60 10.24
CA TRP B 500 -13.06 17.88 9.62
C TRP B 500 -14.04 18.70 10.48
N PHE B 501 -14.02 20.01 10.29
CA PHE B 501 -14.68 20.94 11.20
C PHE B 501 -15.10 22.26 10.54
N GLY B 502 -14.26 22.75 9.64
CA GLY B 502 -14.35 24.13 9.15
C GLY B 502 -15.65 24.65 8.57
N ASN B 503 -16.68 23.82 8.50
CA ASN B 503 -17.94 24.22 7.87
C ASN B 503 -19.07 24.50 8.86
N VAL B 504 -19.81 23.46 9.25
CA VAL B 504 -20.92 23.63 10.20
C VAL B 504 -20.42 23.60 11.64
N PHE B 505 -19.21 23.09 11.83
CA PHE B 505 -18.67 22.87 13.17
C PHE B 505 -17.30 23.55 13.45
N PRO B 506 -16.95 24.65 12.74
CA PRO B 506 -15.61 25.15 13.02
C PRO B 506 -15.51 25.89 14.35
N GLN B 507 -16.65 26.43 14.78
CA GLN B 507 -16.73 27.22 16.00
C GLN B 507 -17.26 26.34 17.14
N THR B 508 -17.28 25.04 16.88
CA THR B 508 -17.88 24.02 17.75
C THR B 508 -19.36 24.37 17.95
N GLU B 509 -20.12 24.29 16.86
CA GLU B 509 -21.54 24.63 16.88
C GLU B 509 -22.40 23.40 17.14
N ASN B 510 -23.69 23.62 17.37
CA ASN B 510 -24.59 22.53 17.71
C ASN B 510 -25.97 22.73 17.12
N ARG B 511 -26.16 22.24 15.90
CA ARG B 511 -27.47 22.28 15.25
C ARG B 511 -27.98 20.86 15.01
N ASP B 512 -29.21 20.73 14.51
CA ASP B 512 -29.79 19.43 14.22
C ASP B 512 -28.94 18.70 13.19
N LEU B 513 -28.35 19.47 12.28
CA LEU B 513 -27.47 18.91 11.28
C LEU B 513 -26.20 18.38 11.93
N GLU B 514 -25.61 19.19 12.81
CA GLU B 514 -24.29 18.91 13.40
C GLU B 514 -24.13 17.48 13.91
N GLY B 515 -25.18 16.94 14.50
CA GLY B 515 -25.19 15.55 14.94
C GLY B 515 -24.99 14.57 13.81
N PHE B 516 -25.42 14.95 12.60
CA PHE B 516 -25.30 14.07 11.45
C PHE B 516 -24.20 14.59 10.52
N GLU B 517 -23.78 15.83 10.75
CA GLU B 517 -22.47 16.27 10.31
C GLU B 517 -21.43 15.31 10.88
N ASN B 518 -21.65 14.88 12.12
CA ASN B 518 -20.80 13.87 12.75
C ASN B 518 -20.84 12.52 12.01
N ALA B 519 -21.99 12.20 11.43
CA ALA B 519 -22.16 11.00 10.61
C ALA B 519 -21.37 11.09 9.30
N ILE B 520 -21.45 12.27 8.67
CA ILE B 520 -20.65 12.56 7.50
C ILE B 520 -19.17 12.44 7.84
N GLU B 521 -18.80 12.93 9.03
CA GLU B 521 -17.44 12.77 9.54
C GLU B 521 -17.08 11.29 9.63
N LEU B 522 -18.05 10.48 10.04
CA LEU B 522 -17.81 9.04 10.15
C LEU B 522 -17.49 8.45 8.78
N VAL B 523 -18.32 8.74 7.78
CA VAL B 523 -18.11 8.20 6.44
C VAL B 523 -16.79 8.67 5.84
N LEU B 524 -16.59 9.98 5.88
CA LEU B 524 -15.36 10.63 5.41
C LEU B 524 -14.11 10.03 6.02
N GLU B 525 -14.17 9.78 7.33
CA GLU B 525 -13.03 9.22 8.04
C GLU B 525 -12.74 7.80 7.58
N THR B 526 -13.79 7.00 7.33
CA THR B 526 -13.62 5.66 6.76
C THR B 526 -12.87 5.70 5.43
N GLY B 527 -11.80 4.92 5.30
CA GLY B 527 -11.00 4.98 4.08
C GLY B 527 -11.67 4.34 2.88
N PHE B 528 -12.14 3.10 3.04
CA PHE B 528 -12.63 2.34 1.91
C PHE B 528 -13.93 2.93 1.36
N ALA B 529 -14.70 3.60 2.22
CA ALA B 529 -15.91 4.27 1.78
C ALA B 529 -15.55 5.36 0.76
N VAL B 530 -14.53 6.14 1.09
CA VAL B 530 -14.01 7.17 0.19
C VAL B 530 -13.49 6.56 -1.11
N THR B 531 -12.63 5.54 -0.97
CA THR B 531 -12.13 4.81 -2.13
C THR B 531 -13.24 4.38 -3.07
N ALA B 532 -14.26 3.72 -2.52
CA ALA B 532 -15.37 3.22 -3.30
C ALA B 532 -16.13 4.37 -3.96
N PHE B 533 -16.30 5.47 -3.25
CA PHE B 533 -16.98 6.61 -3.84
C PHE B 533 -16.22 7.15 -5.05
N VAL B 534 -14.92 7.37 -4.88
CA VAL B 534 -14.08 7.85 -5.99
C VAL B 534 -14.09 6.91 -7.19
N ALA B 535 -13.92 5.61 -6.94
CA ALA B 535 -13.89 4.61 -8.01
C ALA B 535 -15.19 4.63 -8.79
N MET B 536 -16.30 4.56 -8.08
CA MET B 536 -17.59 4.57 -8.77
C MET B 536 -17.76 5.86 -9.55
N LEU B 537 -17.37 6.98 -8.93
CA LEU B 537 -17.53 8.29 -9.56
C LEU B 537 -16.73 8.41 -10.87
N LEU B 538 -15.46 8.03 -10.84
CA LEU B 538 -14.62 8.06 -12.04
C LEU B 538 -15.11 7.10 -13.11
N ASN B 539 -15.37 5.85 -12.72
CA ASN B 539 -15.87 4.85 -13.68
C ASN B 539 -17.16 5.32 -14.34
N ALA B 540 -17.92 6.14 -13.62
CA ALA B 540 -19.12 6.77 -14.18
C ALA B 540 -18.74 7.86 -15.18
N ILE B 541 -17.91 8.82 -14.74
CA ILE B 541 -17.61 10.00 -15.55
C ILE B 541 -16.46 9.84 -16.57
N MET B 542 -15.65 8.80 -16.42
CA MET B 542 -14.56 8.56 -17.38
C MET B 542 -15.04 7.91 -18.68
N PRO B 543 -14.52 8.41 -19.83
CA PRO B 543 -14.83 7.94 -21.19
C PRO B 543 -14.24 6.56 -21.50
N ALA B 544 -14.94 5.78 -22.32
CA ALA B 544 -14.49 4.43 -22.66
C ALA B 544 -13.29 4.44 -23.58
N GLU B 545 -12.18 3.87 -23.11
CA GLU B 545 -10.97 3.82 -23.92
C GLU B 545 -11.07 2.71 -24.97
N9 XAN C . 12.11 7.73 -12.35
C4 XAN C . 10.97 8.02 -13.03
N3 XAN C . 10.23 9.16 -13.14
C2 XAN C . 9.11 9.17 -13.92
O2 XAN C . 8.46 10.19 -14.02
N1 XAN C . 8.74 8.05 -14.60
C6 XAN C . 9.46 6.92 -14.49
O6 XAN C . 9.13 5.93 -15.10
C5 XAN C . 10.60 6.92 -13.69
N7 XAN C . 11.50 5.95 -13.41
C8 XAN C . 12.43 6.44 -12.58
C1B LMT D . 6.95 -2.33 -16.20
C2B LMT D . 6.12 -3.04 -17.27
C3B LMT D . 6.16 -2.22 -18.56
C4B LMT D . 5.75 -0.76 -18.31
C5B LMT D . 6.39 -0.21 -17.01
C6B LMT D . 5.66 1.05 -16.62
O1B LMT D . 8.21 -2.10 -16.72
O2B LMT D . 6.63 -4.30 -17.46
O3B LMT D . 5.41 -2.80 -19.55
O4' LMT D . 6.13 0.04 -19.36
O5B LMT D . 6.36 -1.10 -15.94
O6B LMT D . 6.54 2.04 -16.30
C1' LMT D . 10.47 -3.03 -13.38
C2' LMT D . 10.26 -1.52 -13.63
C3' LMT D . 9.09 -1.30 -14.63
C4' LMT D . 9.33 -2.17 -15.87
C5' LMT D . 9.45 -3.61 -15.35
C6' LMT D . 9.48 -4.65 -16.44
O1' LMT D . 11.60 -3.26 -12.66
O2' LMT D . 9.93 -0.93 -12.44
O3' LMT D . 8.99 0.00 -15.00
O5' LMT D . 10.63 -3.70 -14.62
O6' LMT D . 9.56 -5.86 -15.83
C1 LMT D . 11.42 -3.52 -11.30
C2 LMT D . 12.81 -3.60 -10.75
C3 LMT D . 13.31 -4.97 -10.40
C4 LMT D . 13.73 -4.91 -8.97
C5 LMT D . 15.19 -5.18 -8.80
C6 LMT D . 15.64 -4.98 -7.38
C7 LMT D . 16.78 -5.88 -7.05
C8 LMT D . 17.39 -5.47 -5.75
C9 LMT D . 18.34 -6.48 -5.18
C10 LMT D . 18.72 -6.03 -3.79
C11 LMT D . 18.57 -7.15 -2.79
C12 LMT D . 18.68 -6.67 -1.37
C1B LMT E . 1.96 8.63 -14.39
C2B LMT E . 0.80 8.75 -15.41
C3B LMT E . 1.07 9.81 -16.50
C4B LMT E . 1.67 11.11 -15.88
C5B LMT E . 2.84 10.72 -14.98
C6B LMT E . 3.49 11.98 -14.40
O1B LMT E . 2.99 7.89 -14.93
O2B LMT E . 0.64 7.51 -15.99
O3B LMT E . -0.05 10.04 -17.26
O4' LMT E . 2.15 11.96 -16.85
O5B LMT E . 2.42 9.87 -13.96
O6B LMT E . 4.56 12.38 -15.14
C1' LMT E . 5.84 5.05 -13.93
C2' LMT E . 4.47 4.51 -14.34
C3' LMT E . 3.64 5.61 -15.03
C4' LMT E . 3.55 6.86 -14.14
C5' LMT E . 5.02 7.23 -13.83
C6' LMT E . 5.17 8.50 -13.04
O1' LMT E . 6.42 4.12 -13.11
O2' LMT E . 4.65 3.49 -15.24
O3' LMT E . 2.39 5.16 -15.33
O5' LMT E . 5.65 6.20 -13.13
O6' LMT E . 6.00 9.32 -13.76
C1 LMT E . 7.78 3.86 -13.31
C2 LMT E . 8.13 2.80 -12.30
C3 LMT E . 8.85 3.25 -11.07
C4 LMT E . 10.32 2.93 -11.24
C5 LMT E . 10.69 1.75 -10.40
N9 XAN F . -13.87 -11.32 7.06
C4 XAN F . -13.25 -12.47 6.68
N3 XAN F . -12.26 -13.22 7.25
C2 XAN F . -11.81 -14.35 6.65
O2 XAN F . -10.93 -15.01 7.17
N1 XAN F . -12.36 -14.74 5.46
C6 XAN F . -13.33 -14.01 4.89
O6 XAN F . -13.81 -14.35 3.84
C5 XAN F . -13.78 -12.86 5.51
N7 XAN F . -14.73 -11.96 5.15
C8 XAN F . -14.79 -11.01 6.11
C1B LMT G . -13.50 -11.78 -4.57
C2B LMT G . -13.33 -12.57 -5.88
C3B LMT G . -13.70 -14.04 -5.62
C4B LMT G . -12.88 -14.62 -4.44
C5B LMT G . -12.80 -13.62 -3.26
C6B LMT G . -11.66 -14.04 -2.35
O1B LMT G . -14.81 -11.94 -4.13
O2B LMT G . -14.13 -12.02 -6.85
O3B LMT G . -13.59 -14.81 -6.76
O4' LMT G . -13.47 -15.78 -4.00
O5B LMT G . -12.61 -12.26 -3.63
O6B LMT G . -12.04 -14.03 -1.04
C1' LMT G . -15.92 -8.06 -3.02
C2' LMT G . -15.33 -8.95 -1.89
C3' LMT G . -14.53 -10.12 -2.52
C4' LMT G . -15.47 -10.87 -3.48
C5' LMT G . -15.87 -9.81 -4.52
C6' LMT G . -16.56 -10.36 -5.73
O1' LMT G . -16.72 -7.06 -2.51
O2' LMT G . -14.48 -8.19 -1.11
O3' LMT G . -14.05 -10.97 -1.56
O5' LMT G . -16.69 -8.84 -3.90
O6' LMT G . -17.11 -9.30 -6.38
C1 LMT G . -16.15 -5.77 -2.46
C2 LMT G . -17.20 -4.88 -1.88
C3 LMT G . -17.84 -3.89 -2.81
C4 LMT G . -17.68 -2.52 -2.21
C5 LMT G . -19.00 -1.82 -2.10
C6 LMT G . -18.98 -0.81 -0.99
C7 LMT G . -20.19 0.08 -1.03
C8 LMT G . -19.99 1.19 -0.06
C9 LMT G . -20.23 2.55 -0.61
C10 LMT G . -19.99 3.54 0.51
C11 LMT G . -19.98 4.95 -0.02
C12 LMT G . -19.63 5.93 1.06
C1B LMT H . -5.76 -16.08 4.00
C2B LMT H . -5.03 -17.27 3.34
C3B LMT H . -5.43 -18.63 3.97
C4B LMT H . -5.43 -18.54 5.51
C5B LMT H . -6.27 -17.32 5.92
C6B LMT H . -6.38 -17.23 7.44
O1B LMT H . -7.07 -15.99 3.55
O2B LMT H . -5.35 -17.26 2.00
O3B LMT H . -4.65 -19.66 3.50
O4' LMT H . -5.97 -19.67 6.09
O5B LMT H . -5.73 -16.15 5.39
O6B LMT H . -7.06 -18.31 7.96
C1' LMT H . -9.82 -13.26 2.09
C2' LMT H . -9.03 -14.03 1.00
C3' LMT H . -8.10 -15.14 1.59
C4' LMT H . -7.46 -14.78 2.94
C5' LMT H . -8.59 -14.13 3.76
C6' LMT H . -8.28 -13.89 5.21
O1' LMT H . -10.28 -12.06 1.60
O2' LMT H . -9.96 -14.63 0.20
O3' LMT H . -7.11 -15.46 0.71
O5' LMT H . -8.95 -12.94 3.15
O6' LMT H . -8.74 -14.97 5.91
C1 LMT H . -11.64 -11.84 1.86
C2 LMT H . -11.92 -10.43 1.43
C3 LMT H . -12.09 -9.42 2.52
C4 LMT H . -13.51 -8.92 2.48
C5 LMT H . -13.56 -7.48 2.83
#